data_5XFW
#
_entry.id   5XFW
#
_cell.length_a   140.053
_cell.length_b   146.218
_cell.length_c   66.389
_cell.angle_alpha   90.00
_cell.angle_beta   90.00
_cell.angle_gamma   90.00
#
_symmetry.space_group_name_H-M   'P 21 21 2'
#
loop_
_entity.id
_entity.type
_entity.pdbx_description
1 polymer 'Dihydroorotate dehydrogenase (fumarate)'
2 non-polymer 'MALONATE ION'
3 water water
#
_entity_poly.entity_id   1
_entity_poly.type   'polypeptide(L)'
_entity_poly.pdbx_seq_one_letter_code
;MAHHHHHHSAALEVLFQGPGSMSLKVNILGHEFSNPFMNAAGVLCTTEEDLRRMTESESGSLIGKSCTLAPRTGNPEPRY
FGLPLGSINSMGLPNLGVDFYLSYAAQTHDYSRKPLFLSMSGLSVEESVEMVKKLVPITKEKGTILELNLSCPNVPGKPQ
VGYDFDTTRTYLQKVSEAYGLPFGVKMPPYFDIAHFDMAAAVLNDFPLVKFITCVNSIGNGLVIDPANETVVIKPKQGFG
GLGGKYVLPTALANVNAFFRRCPDKLVFGCGGVYSGEEAFLHILAGASMVQVGTALHDEGPIIFARLNKELQEIMTNKGY
KTLDEFRGRVKTMD
;
_entity_poly.pdbx_strand_id   A,B,C,D
#
# COMPACT_ATOMS: atom_id res chain seq x y z
N MET A 22 11.14 -3.80 33.72
CA MET A 22 10.66 -2.76 32.75
C MET A 22 10.86 -1.35 33.31
N SER A 23 11.30 -0.44 32.43
CA SER A 23 11.53 0.95 32.81
C SER A 23 11.07 1.95 31.75
N LEU A 24 10.35 2.98 32.19
CA LEU A 24 10.01 4.14 31.35
C LEU A 24 10.96 5.32 31.56
N LYS A 25 12.07 5.12 32.27
CA LYS A 25 12.96 6.20 32.62
C LYS A 25 13.65 6.81 31.42
N VAL A 26 13.95 8.10 31.51
CA VAL A 26 14.64 8.84 30.46
C VAL A 26 15.75 9.61 31.14
N ASN A 27 16.97 9.46 30.64
CA ASN A 27 18.11 10.23 31.12
C ASN A 27 18.54 11.23 30.06
N ILE A 28 18.17 12.49 30.25
CA ILE A 28 18.55 13.59 29.36
C ILE A 28 18.74 14.85 30.18
N LEU A 29 19.51 15.78 29.62
CA LEU A 29 19.67 17.13 30.16
C LEU A 29 20.16 17.14 31.62
N GLY A 30 20.89 16.10 31.99
CA GLY A 30 21.40 15.93 33.36
C GLY A 30 20.42 15.45 34.41
N HIS A 31 19.25 14.97 33.99
CA HIS A 31 18.23 14.48 34.93
C HIS A 31 17.78 13.08 34.57
N GLU A 32 17.33 12.34 35.57
CA GLU A 32 16.55 11.14 35.37
C GLU A 32 15.08 11.56 35.44
N PHE A 33 14.35 11.31 34.37
CA PHE A 33 12.89 11.49 34.37
C PHE A 33 12.27 10.13 34.60
N SER A 34 11.23 10.06 35.43
CA SER A 34 10.56 8.80 35.75
C SER A 34 9.90 8.16 34.52
N ASN A 35 9.46 9.00 33.60
CA ASN A 35 8.81 8.57 32.37
C ASN A 35 8.89 9.74 31.39
N PRO A 36 8.56 9.52 30.11
CA PRO A 36 8.77 10.58 29.12
C PRO A 36 7.67 11.63 29.02
N PHE A 37 6.62 11.52 29.82
CA PHE A 37 5.45 12.38 29.65
C PHE A 37 5.50 13.69 30.42
N MET A 38 4.97 14.72 29.79
CA MET A 38 4.80 16.02 30.40
C MET A 38 3.63 16.72 29.71
N ASN A 39 3.21 17.84 30.25
CA ASN A 39 2.20 18.66 29.57
C ASN A 39 2.84 19.43 28.41
N ALA A 40 2.01 19.81 27.44
CA ALA A 40 2.38 20.86 26.49
C ALA A 40 2.23 22.21 27.17
N ALA A 41 3.02 23.18 26.75
CA ALA A 41 3.13 24.48 27.44
C ALA A 41 1.93 25.43 27.38
N GLY A 42 0.80 24.98 26.82
CA GLY A 42 -0.45 25.73 26.92
C GLY A 42 -1.48 25.14 27.86
N VAL A 43 -1.23 23.94 28.39
CA VAL A 43 -2.24 23.15 29.10
C VAL A 43 -1.81 22.83 30.53
N LEU A 44 -2.72 23.11 31.47
CA LEU A 44 -2.57 22.82 32.90
C LEU A 44 -1.25 23.33 33.46
N CYS A 45 -0.93 24.59 33.17
CA CYS A 45 0.36 25.14 33.61
C CYS A 45 0.43 26.64 33.76
N THR A 46 -0.72 27.30 33.87
CA THR A 46 -0.76 28.76 33.89
C THR A 46 -0.66 29.30 35.32
N THR A 47 -1.38 28.68 36.24
CA THR A 47 -1.48 29.14 37.63
C THR A 47 -0.71 28.23 38.57
N GLU A 48 -0.52 28.69 39.80
CA GLU A 48 0.14 27.89 40.83
C GLU A 48 -0.62 26.59 41.10
N GLU A 49 -1.95 26.66 41.11
CA GLU A 49 -2.78 25.47 41.28
C GLU A 49 -2.56 24.48 40.13
N ASP A 50 -2.56 24.97 38.89
CA ASP A 50 -2.27 24.12 37.73
C ASP A 50 -0.94 23.37 37.90
N LEU A 51 0.09 24.12 38.26
CA LEU A 51 1.43 23.55 38.39
C LEU A 51 1.54 22.55 39.54
N ARG A 52 0.83 22.80 40.64
CA ARG A 52 0.72 21.84 41.75
C ARG A 52 0.10 20.53 41.27
N ARG A 53 -0.99 20.63 40.50
CA ARG A 53 -1.66 19.44 39.97
C ARG A 53 -0.77 18.67 39.00
N MET A 54 -0.04 19.38 38.15
CA MET A 54 0.97 18.73 37.31
C MET A 54 2.06 18.04 38.12
N THR A 55 2.55 18.71 39.16
CA THR A 55 3.60 18.15 40.01
C THR A 55 3.11 16.91 40.76
N GLU A 56 1.88 16.94 41.26
CA GLU A 56 1.29 15.79 41.95
C GLU A 56 0.92 14.63 41.02
N SER A 57 0.78 14.91 39.74
CA SER A 57 0.49 13.87 38.77
C SER A 57 1.64 12.87 38.58
N GLU A 58 1.34 11.83 37.83
CA GLU A 58 2.32 10.81 37.46
C GLU A 58 3.24 11.22 36.30
N SER A 59 3.16 12.46 35.83
CA SER A 59 4.00 12.88 34.70
C SER A 59 5.48 12.85 35.07
N GLY A 60 6.33 12.55 34.10
CA GLY A 60 7.78 12.62 34.28
C GLY A 60 8.32 14.03 34.45
N SER A 61 7.63 15.01 33.88
CA SER A 61 8.01 16.40 34.06
C SER A 61 6.79 17.29 33.83
N LEU A 62 7.06 18.59 33.81
CA LEU A 62 6.06 19.60 33.54
C LEU A 62 6.75 20.84 32.99
N ILE A 63 5.99 21.65 32.28
CA ILE A 63 6.49 22.90 31.72
C ILE A 63 5.51 24.03 32.05
N GLY A 64 6.05 25.15 32.51
CA GLY A 64 5.25 26.35 32.77
C GLY A 64 4.68 26.96 31.51
N LYS A 65 3.52 27.62 31.65
CA LYS A 65 2.85 28.29 30.54
C LYS A 65 3.80 29.22 29.79
N SER A 66 3.75 29.15 28.46
CA SER A 66 4.45 30.09 27.59
C SER A 66 4.18 31.51 28.05
N CYS A 67 5.22 32.15 28.57
CA CYS A 67 5.05 33.41 29.28
C CYS A 67 5.70 34.58 28.56
N THR A 68 5.36 35.78 29.02
CA THR A 68 5.85 37.03 28.49
C THR A 68 6.38 37.86 29.66
N LEU A 69 7.08 38.95 29.35
CA LEU A 69 7.74 39.76 30.37
C LEU A 69 6.73 40.37 31.34
N ALA A 70 5.66 40.91 30.78
CA ALA A 70 4.51 41.41 31.55
C ALA A 70 3.37 40.40 31.46
N PRO A 71 2.45 40.40 32.45
CA PRO A 71 1.27 39.54 32.39
C PRO A 71 0.41 39.80 31.16
N ARG A 72 -0.32 38.77 30.73
CA ARG A 72 -1.31 38.91 29.68
C ARG A 72 -2.57 38.17 30.10
N THR A 73 -3.72 38.74 29.78
CA THR A 73 -5.00 38.05 29.92
C THR A 73 -5.44 37.31 28.64
N GLY A 74 -4.75 37.59 27.53
CA GLY A 74 -5.02 36.90 26.28
C GLY A 74 -6.17 37.45 25.48
N ASN A 75 -6.65 36.65 24.54
CA ASN A 75 -7.65 37.07 23.57
C ASN A 75 -9.09 37.00 24.14
N PRO A 76 -10.03 37.69 23.48
CA PRO A 76 -11.42 37.67 23.95
C PRO A 76 -12.14 36.34 23.77
N GLU A 77 -13.17 36.12 24.58
CA GLU A 77 -13.97 34.89 24.55
C GLU A 77 -15.11 34.97 23.52
N PRO A 78 -15.55 33.84 22.98
CA PRO A 78 -14.97 32.51 23.22
C PRO A 78 -13.69 32.28 22.42
N ARG A 79 -12.72 31.62 23.03
CA ARG A 79 -11.40 31.42 22.39
C ARG A 79 -10.90 29.98 22.40
N TYR A 80 -11.76 29.04 22.79
CA TYR A 80 -11.44 27.63 22.79
C TYR A 80 -12.70 26.88 22.36
N PHE A 81 -12.55 25.92 21.47
CA PHE A 81 -13.65 25.08 21.07
C PHE A 81 -13.19 23.65 20.89
N GLY A 82 -13.80 22.74 21.65
CA GLY A 82 -13.50 21.31 21.56
C GLY A 82 -14.14 20.73 20.32
N LEU A 83 -13.40 19.89 19.60
CA LEU A 83 -13.87 19.28 18.36
C LEU A 83 -13.86 17.75 18.48
N PRO A 84 -14.64 17.06 17.64
CA PRO A 84 -14.55 15.60 17.62
C PRO A 84 -13.15 15.07 17.35
N LEU A 85 -12.38 15.76 16.51
CA LEU A 85 -11.01 15.34 16.20
C LEU A 85 -9.90 16.12 16.94
N GLY A 86 -10.27 16.96 17.90
CA GLY A 86 -9.30 17.68 18.71
C GLY A 86 -9.82 18.99 19.25
N SER A 87 -9.18 20.08 18.87
CA SER A 87 -9.58 21.39 19.35
C SER A 87 -9.12 22.48 18.41
N ILE A 88 -9.74 23.64 18.54
CA ILE A 88 -9.27 24.87 17.93
C ILE A 88 -9.21 25.91 19.04
N ASN A 89 -8.16 26.72 19.07
CA ASN A 89 -8.05 27.78 20.07
C ASN A 89 -7.36 29.01 19.54
N SER A 90 -7.64 30.14 20.20
CA SER A 90 -6.83 31.33 20.03
C SER A 90 -6.68 31.97 21.40
N MET A 91 -5.95 31.29 22.28
CA MET A 91 -5.83 31.75 23.67
C MET A 91 -5.13 33.10 23.75
N GLY A 92 -4.06 33.28 22.98
CA GLY A 92 -3.31 34.54 22.95
C GLY A 92 -2.31 34.75 24.07
N LEU A 93 -1.66 33.66 24.49
CA LEU A 93 -0.64 33.66 25.54
C LEU A 93 -1.08 34.31 26.86
N PRO A 94 -2.25 33.89 27.39
CA PRO A 94 -2.58 34.37 28.74
C PRO A 94 -1.58 33.77 29.74
N ASN A 95 -0.99 34.61 30.57
CA ASN A 95 0.03 34.15 31.50
C ASN A 95 0.25 35.20 32.59
N LEU A 96 0.78 34.74 33.72
CA LEU A 96 0.95 35.61 34.90
C LEU A 96 2.20 36.49 34.91
N GLY A 97 2.96 36.45 33.81
CA GLY A 97 4.19 37.24 33.64
C GLY A 97 5.41 36.47 34.11
N VAL A 98 6.56 36.80 33.54
CA VAL A 98 7.77 36.01 33.77
C VAL A 98 8.13 35.89 35.25
N ASP A 99 7.96 36.97 36.00
CA ASP A 99 8.31 36.99 37.42
C ASP A 99 7.56 35.95 38.22
N PHE A 100 6.30 35.69 37.87
CA PHE A 100 5.53 34.61 38.52
C PHE A 100 6.18 33.24 38.30
N TYR A 101 6.49 32.90 37.04
CA TYR A 101 7.04 31.56 36.73
C TYR A 101 8.45 31.38 37.28
N LEU A 102 9.22 32.46 37.30
CA LEU A 102 10.56 32.45 37.90
C LEU A 102 10.47 32.23 39.40
N SER A 103 9.54 32.91 40.04
CA SER A 103 9.31 32.74 41.48
C SER A 103 8.82 31.32 41.82
N TYR A 104 7.93 30.77 40.98
CA TYR A 104 7.53 29.37 41.11
C TYR A 104 8.76 28.44 41.02
N ALA A 105 9.60 28.67 40.01
CA ALA A 105 10.78 27.84 39.77
C ALA A 105 11.80 27.94 40.91
N ALA A 106 11.91 29.13 41.50
CA ALA A 106 12.91 29.39 42.54
C ALA A 106 12.48 28.98 43.94
N GLN A 107 11.19 29.13 44.26
CA GLN A 107 10.68 28.99 45.64
C GLN A 107 9.66 27.88 45.87
N THR A 108 8.84 27.57 44.87
CA THR A 108 7.64 26.74 45.09
C THR A 108 7.82 25.30 44.59
N HIS A 109 8.40 25.13 43.41
CA HIS A 109 8.44 23.81 42.79
C HIS A 109 9.23 22.78 43.58
N ASP A 110 8.65 21.59 43.72
CA ASP A 110 9.29 20.45 44.36
C ASP A 110 10.10 19.67 43.33
N TYR A 111 11.39 19.98 43.26
CA TYR A 111 12.31 19.32 42.35
C TYR A 111 12.61 17.86 42.72
N SER A 112 12.29 17.47 43.97
CA SER A 112 12.40 16.06 44.36
C SER A 112 11.37 15.16 43.64
N ARG A 113 10.23 15.74 43.25
CA ARG A 113 9.19 15.03 42.51
C ARG A 113 9.58 14.86 41.04
N LYS A 114 9.95 15.96 40.39
CA LYS A 114 10.31 15.93 38.98
C LYS A 114 10.97 17.23 38.53
N PRO A 115 11.74 17.21 37.44
CA PRO A 115 12.34 18.44 36.91
C PRO A 115 11.31 19.38 36.32
N LEU A 116 11.68 20.65 36.19
CA LEU A 116 10.80 21.72 35.69
C LEU A 116 11.40 22.40 34.47
N PHE A 117 10.57 22.53 33.44
CA PHE A 117 10.83 23.40 32.30
C PHE A 117 10.00 24.67 32.45
N LEU A 118 10.50 25.75 31.87
CA LEU A 118 9.69 26.96 31.64
C LEU A 118 9.71 27.32 30.17
N SER A 119 8.54 27.60 29.63
CA SER A 119 8.37 28.06 28.26
C SER A 119 8.39 29.59 28.28
N MET A 120 9.30 30.18 27.52
CA MET A 120 9.37 31.63 27.42
C MET A 120 9.08 32.06 25.99
N SER A 121 8.13 32.99 25.88
CA SER A 121 7.54 33.34 24.61
C SER A 121 7.41 34.86 24.48
N GLY A 122 8.52 35.56 24.69
CA GLY A 122 8.56 37.01 24.46
C GLY A 122 8.15 37.31 23.03
N LEU A 123 7.51 38.47 22.82
CA LEU A 123 6.99 38.84 21.50
C LEU A 123 7.97 39.62 20.62
N SER A 124 9.19 39.80 21.12
CA SER A 124 10.29 40.41 20.37
C SER A 124 11.59 39.82 20.90
N VAL A 125 12.67 39.94 20.12
CA VAL A 125 13.99 39.45 20.56
C VAL A 125 14.41 40.17 21.86
N GLU A 126 14.17 41.47 21.91
CA GLU A 126 14.48 42.30 23.07
C GLU A 126 13.79 41.78 24.33
N GLU A 127 12.50 41.48 24.22
CA GLU A 127 11.73 40.94 25.34
C GLU A 127 12.27 39.58 25.79
N SER A 128 12.53 38.70 24.84
CA SER A 128 13.04 37.36 25.15
C SER A 128 14.40 37.40 25.85
N VAL A 129 15.27 38.29 25.37
CA VAL A 129 16.59 38.48 25.98
C VAL A 129 16.45 38.88 27.44
N GLU A 130 15.62 39.87 27.71
CA GLU A 130 15.38 40.32 29.09
C GLU A 130 14.88 39.17 29.96
N MET A 131 13.98 38.35 29.43
CA MET A 131 13.41 37.23 30.17
C MET A 131 14.43 36.14 30.49
N VAL A 132 15.21 35.74 29.49
CA VAL A 132 16.16 34.63 29.70
C VAL A 132 17.30 35.04 30.63
N LYS A 133 17.71 36.31 30.59
CA LYS A 133 18.70 36.83 31.56
C LYS A 133 18.26 36.62 33.01
N LYS A 134 16.98 36.85 33.29
CA LYS A 134 16.42 36.63 34.63
C LYS A 134 16.44 35.16 35.04
N LEU A 135 16.33 34.26 34.08
CA LEU A 135 16.34 32.83 34.35
C LEU A 135 17.71 32.28 34.74
N VAL A 136 18.79 32.89 34.24
CA VAL A 136 20.15 32.35 34.40
C VAL A 136 20.45 31.90 35.84
N PRO A 137 20.28 32.82 36.82
CA PRO A 137 20.61 32.41 38.21
C PRO A 137 19.76 31.26 38.74
N ILE A 138 18.51 31.19 38.31
CA ILE A 138 17.58 30.15 38.77
C ILE A 138 17.93 28.81 38.13
N THR A 139 18.26 28.81 36.85
CA THR A 139 18.78 27.59 36.20
C THR A 139 20.03 27.07 36.93
N LYS A 140 20.95 27.98 37.24
CA LYS A 140 22.20 27.59 37.92
C LYS A 140 21.95 27.01 39.32
N GLU A 141 21.03 27.62 40.06
CA GLU A 141 20.70 27.20 41.43
C GLU A 141 19.82 25.94 41.48
N LYS A 142 18.78 25.93 40.66
CA LYS A 142 17.70 24.92 40.75
C LYS A 142 17.66 23.89 39.63
N GLY A 143 18.31 24.18 38.51
CA GLY A 143 18.29 23.30 37.33
C GLY A 143 17.11 23.47 36.39
N THR A 144 16.34 24.55 36.57
CA THR A 144 15.20 24.88 35.71
C THR A 144 15.64 24.96 34.25
N ILE A 145 14.87 24.32 33.36
CA ILE A 145 15.23 24.17 31.95
C ILE A 145 14.38 25.13 31.11
N LEU A 146 15.04 25.83 30.18
CA LEU A 146 14.36 26.75 29.27
C LEU A 146 13.91 26.07 27.96
N GLU A 147 12.66 26.27 27.57
CA GLU A 147 12.16 25.98 26.21
C GLU A 147 11.73 27.34 25.61
N LEU A 148 12.53 27.85 24.66
CA LEU A 148 12.23 29.11 23.97
C LEU A 148 11.16 28.88 22.91
N ASN A 149 10.04 29.59 23.03
CA ASN A 149 8.91 29.39 22.11
C ASN A 149 9.03 30.27 20.88
N LEU A 150 9.17 29.64 19.71
CA LEU A 150 9.21 30.34 18.43
C LEU A 150 8.00 29.99 17.58
N SER A 151 6.87 29.68 18.22
CA SER A 151 5.77 28.98 17.53
C SER A 151 4.34 29.51 17.71
N CYS A 152 4.10 30.50 18.58
CA CYS A 152 2.71 30.87 18.90
C CYS A 152 1.97 31.46 17.69
N PRO A 153 0.87 30.82 17.26
CA PRO A 153 0.12 31.26 16.09
C PRO A 153 -1.09 32.13 16.40
N ASN A 154 -1.27 32.55 17.66
CA ASN A 154 -2.52 33.19 18.11
C ASN A 154 -2.41 34.63 18.64
N VAL A 155 -1.28 35.29 18.46
CA VAL A 155 -1.15 36.69 18.87
C VAL A 155 -1.33 37.56 17.63
N PRO A 156 -2.40 38.38 17.59
CA PRO A 156 -2.61 39.21 16.41
C PRO A 156 -1.44 40.14 16.13
N GLY A 157 -1.00 40.18 14.87
CA GLY A 157 0.12 41.01 14.44
C GLY A 157 1.51 40.45 14.69
N LYS A 158 1.60 39.23 15.22
CA LYS A 158 2.89 38.61 15.58
C LYS A 158 3.01 37.27 14.88
N PRO A 159 3.65 37.24 13.70
CA PRO A 159 3.81 35.96 12.98
C PRO A 159 4.68 34.96 13.74
N GLN A 160 4.49 33.69 13.42
CA GLN A 160 5.26 32.61 14.02
C GLN A 160 6.74 32.77 13.66
N VAL A 161 7.59 32.98 14.67
CA VAL A 161 9.01 33.29 14.40
C VAL A 161 9.70 32.19 13.62
N GLY A 162 9.37 30.94 13.91
CA GLY A 162 9.96 29.79 13.25
C GLY A 162 9.75 29.68 11.75
N TYR A 163 8.81 30.45 11.21
CA TYR A 163 8.63 30.52 9.75
C TYR A 163 9.48 31.59 9.07
N ASP A 164 10.23 32.37 9.83
CA ASP A 164 11.18 33.34 9.29
C ASP A 164 12.56 32.92 9.76
N PHE A 165 13.35 32.34 8.86
CA PHE A 165 14.61 31.74 9.27
C PHE A 165 15.68 32.76 9.65
N ASP A 166 15.61 33.97 9.08
CA ASP A 166 16.51 35.05 9.50
C ASP A 166 16.19 35.55 10.90
N THR A 167 14.90 35.76 11.19
CA THR A 167 14.46 36.17 12.51
C THR A 167 14.76 35.09 13.55
N THR A 168 14.55 33.83 13.17
CA THR A 168 14.88 32.71 14.05
C THR A 168 16.37 32.73 14.41
N ARG A 169 17.22 32.94 13.42
CA ARG A 169 18.66 33.03 13.66
C ARG A 169 18.98 34.13 14.69
N THR A 170 18.36 35.30 14.53
CA THR A 170 18.54 36.41 15.47
C THR A 170 18.15 36.04 16.89
N TYR A 171 16.97 35.46 17.05
CA TYR A 171 16.53 35.00 18.37
C TYR A 171 17.53 34.02 19.01
N LEU A 172 17.96 33.04 18.23
CA LEU A 172 18.87 32.02 18.75
C LEU A 172 20.25 32.59 19.09
N GLN A 173 20.72 33.53 18.27
CA GLN A 173 21.99 34.22 18.53
C GLN A 173 21.91 35.00 19.84
N LYS A 174 20.89 35.85 19.97
CA LYS A 174 20.77 36.72 21.13
C LYS A 174 20.44 35.97 22.42
N VAL A 175 19.60 34.96 22.34
CA VAL A 175 19.32 34.13 23.52
C VAL A 175 20.55 33.30 23.92
N SER A 176 21.29 32.77 22.95
CA SER A 176 22.56 32.08 23.23
C SER A 176 23.54 32.99 23.98
N GLU A 177 23.67 34.23 23.52
CA GLU A 177 24.56 35.20 24.17
C GLU A 177 24.11 35.58 25.57
N ALA A 178 22.81 35.83 25.72
CA ALA A 178 22.25 36.35 26.97
C ALA A 178 22.05 35.28 28.04
N TYR A 179 21.67 34.07 27.62
CA TYR A 179 21.38 32.98 28.54
C TYR A 179 22.65 32.16 28.78
N GLY A 180 23.28 31.72 27.70
CA GLY A 180 24.62 31.09 27.77
C GLY A 180 24.70 29.68 28.29
N LEU A 181 23.54 29.03 28.50
CA LEU A 181 23.45 27.67 29.02
C LEU A 181 22.58 26.87 28.05
N PRO A 182 22.68 25.53 28.07
CA PRO A 182 21.86 24.73 27.17
C PRO A 182 20.36 25.01 27.30
N PHE A 183 19.66 25.08 26.18
CA PHE A 183 18.22 25.35 26.18
C PHE A 183 17.58 24.63 25.01
N GLY A 184 16.26 24.65 24.97
CA GLY A 184 15.54 24.09 23.84
C GLY A 184 14.63 25.09 23.17
N VAL A 185 14.05 24.66 22.05
CA VAL A 185 13.18 25.53 21.27
C VAL A 185 11.91 24.78 20.88
N LYS A 186 10.79 25.48 20.89
CA LYS A 186 9.54 24.92 20.41
C LYS A 186 9.24 25.49 19.04
N MET A 187 9.04 24.62 18.06
CA MET A 187 8.91 25.03 16.68
C MET A 187 7.48 24.89 16.17
N PRO A 188 7.10 25.73 15.19
CA PRO A 188 5.87 25.50 14.47
C PRO A 188 6.08 24.32 13.51
N PRO A 189 4.99 23.68 13.07
CA PRO A 189 5.15 22.59 12.10
C PRO A 189 5.59 23.08 10.72
N TYR A 190 6.51 22.34 10.09
CA TYR A 190 6.89 22.56 8.70
C TYR A 190 6.26 21.50 7.81
N PHE A 191 6.04 21.87 6.56
CA PHE A 191 5.28 21.05 5.60
C PHE A 191 6.01 20.82 4.29
N ASP A 192 7.29 21.14 4.25
CA ASP A 192 8.07 21.04 3.02
C ASP A 192 9.49 20.62 3.38
N ILE A 193 10.07 19.76 2.56
CA ILE A 193 11.40 19.21 2.85
C ILE A 193 12.46 20.31 2.89
N ALA A 194 12.36 21.27 1.98
CA ALA A 194 13.27 22.42 2.00
C ALA A 194 13.20 23.18 3.32
N HIS A 195 12.02 23.26 3.93
CA HIS A 195 11.91 23.91 5.23
C HIS A 195 12.53 23.12 6.36
N PHE A 196 12.38 21.79 6.36
CA PHE A 196 13.13 20.97 7.32
C PHE A 196 14.63 21.25 7.16
N ASP A 197 15.10 21.24 5.91
CA ASP A 197 16.53 21.50 5.64
C ASP A 197 16.98 22.88 6.13
N MET A 198 16.21 23.92 5.80
CA MET A 198 16.55 25.29 6.18
C MET A 198 16.48 25.51 7.69
N ALA A 199 15.43 24.99 8.32
CA ALA A 199 15.31 25.08 9.77
C ALA A 199 16.47 24.38 10.49
N ALA A 200 16.80 23.17 10.04
CA ALA A 200 17.88 22.39 10.66
C ALA A 200 19.22 23.08 10.50
N ALA A 201 19.46 23.69 9.34
CA ALA A 201 20.69 24.46 9.07
C ALA A 201 20.85 25.64 10.04
N VAL A 202 19.75 26.32 10.36
CA VAL A 202 19.80 27.37 11.38
C VAL A 202 20.07 26.76 12.76
N LEU A 203 19.27 25.78 13.15
CA LEU A 203 19.40 25.18 14.50
C LEU A 203 20.79 24.60 14.77
N ASN A 204 21.37 23.97 13.73
CA ASN A 204 22.68 23.34 13.82
C ASN A 204 23.85 24.35 13.92
N ASP A 205 23.59 25.63 13.68
CA ASP A 205 24.57 26.69 13.97
C ASP A 205 24.65 27.12 15.44
N PHE A 206 23.76 26.58 16.30
CA PHE A 206 23.69 26.99 17.70
C PHE A 206 23.86 25.80 18.64
N PRO A 207 25.11 25.58 19.10
CA PRO A 207 25.37 24.42 19.95
C PRO A 207 24.67 24.42 21.30
N LEU A 208 24.24 25.58 21.80
CA LEU A 208 23.46 25.64 23.04
C LEU A 208 22.03 25.12 22.91
N VAL A 209 21.50 25.06 21.69
CA VAL A 209 20.19 24.46 21.46
C VAL A 209 20.35 22.95 21.54
N LYS A 210 19.89 22.37 22.65
CA LYS A 210 20.05 20.94 22.92
C LYS A 210 18.82 20.12 22.64
N PHE A 211 17.64 20.75 22.61
CA PHE A 211 16.43 20.05 22.20
C PHE A 211 15.49 20.91 21.37
N ILE A 212 14.68 20.21 20.60
CA ILE A 212 13.73 20.81 19.66
C ILE A 212 12.39 20.15 19.93
N THR A 213 11.37 20.93 20.27
CA THR A 213 10.01 20.42 20.48
C THR A 213 9.18 20.61 19.22
N CYS A 214 8.68 19.48 18.70
CA CYS A 214 7.93 19.41 17.44
C CYS A 214 6.61 18.74 17.76
N VAL A 215 5.46 19.40 17.67
CA VAL A 215 5.26 20.73 17.13
C VAL A 215 4.24 21.45 17.97
N ASN A 216 4.17 22.76 17.81
CA ASN A 216 3.05 23.50 18.36
C ASN A 216 1.87 23.25 17.37
N SER A 217 0.72 23.78 17.68
CA SER A 217 -0.48 23.63 16.88
C SER A 217 -0.29 23.89 15.41
N ILE A 218 -1.14 23.26 14.62
CA ILE A 218 -1.20 23.61 13.22
C ILE A 218 -1.90 24.97 13.19
N GLY A 219 -1.19 26.01 12.80
CA GLY A 219 -1.70 27.37 12.93
C GLY A 219 -2.83 27.74 11.97
N ASN A 220 -3.71 28.62 12.47
CA ASN A 220 -4.64 29.38 11.65
C ASN A 220 -5.57 28.55 10.78
N GLY A 221 -6.14 27.53 11.40
CA GLY A 221 -7.28 26.82 10.87
C GLY A 221 -8.56 27.60 11.14
N LEU A 222 -9.64 27.16 10.51
CA LEU A 222 -10.93 27.84 10.61
C LEU A 222 -12.03 26.78 10.75
N VAL A 223 -12.81 26.89 11.83
CA VAL A 223 -13.93 26.03 12.09
C VAL A 223 -15.21 26.86 12.08
N ILE A 224 -16.21 26.37 11.36
CA ILE A 224 -17.48 27.06 11.17
C ILE A 224 -18.59 26.09 11.54
N ASP A 225 -19.58 26.59 12.28
CA ASP A 225 -20.75 25.82 12.68
C ASP A 225 -21.77 25.95 11.53
N PRO A 226 -22.14 24.82 10.88
CA PRO A 226 -23.05 24.92 9.73
C PRO A 226 -24.49 25.35 10.10
N ALA A 227 -24.90 25.06 11.33
CA ALA A 227 -26.25 25.42 11.78
C ALA A 227 -26.49 26.91 11.85
N ASN A 228 -25.56 27.66 12.46
CA ASN A 228 -25.69 29.12 12.58
C ASN A 228 -24.78 29.91 11.62
N GLU A 229 -24.04 29.18 10.77
CA GLU A 229 -23.19 29.78 9.72
C GLU A 229 -22.11 30.72 10.29
N THR A 230 -21.70 30.44 11.53
CA THR A 230 -20.83 31.32 12.30
C THR A 230 -19.59 30.54 12.74
N VAL A 231 -18.46 31.24 12.72
CA VAL A 231 -17.21 30.70 13.26
C VAL A 231 -17.37 30.40 14.74
N VAL A 232 -16.54 29.50 15.28
CA VAL A 232 -16.72 29.04 16.66
C VAL A 232 -15.84 29.76 17.69
N ILE A 233 -14.83 30.49 17.25
CA ILE A 233 -14.07 31.35 18.17
C ILE A 233 -14.07 32.80 17.71
N LYS A 234 -13.95 33.70 18.69
CA LYS A 234 -14.06 35.14 18.45
C LYS A 234 -12.82 35.80 17.83
N PRO A 235 -11.62 35.52 18.36
CA PRO A 235 -10.45 36.26 17.83
C PRO A 235 -10.16 35.98 16.36
N LYS A 236 -9.56 36.95 15.69
CA LYS A 236 -8.99 36.77 14.35
C LYS A 236 -9.98 36.17 13.34
N GLN A 237 -11.22 36.63 13.41
CA GLN A 237 -12.27 36.17 12.50
C GLN A 237 -12.45 34.65 12.48
N GLY A 238 -12.20 34.00 13.62
CA GLY A 238 -12.33 32.56 13.77
C GLY A 238 -11.09 31.73 13.53
N PHE A 239 -9.98 32.37 13.17
CA PHE A 239 -8.74 31.66 12.81
C PHE A 239 -7.99 31.28 14.09
N GLY A 240 -7.68 30.00 14.24
CA GLY A 240 -7.06 29.52 15.49
C GLY A 240 -6.23 28.27 15.27
N GLY A 241 -5.41 27.97 16.27
CA GLY A 241 -4.52 26.83 16.19
C GLY A 241 -5.25 25.52 16.40
N LEU A 242 -4.92 24.52 15.59
CA LEU A 242 -5.52 23.20 15.69
C LEU A 242 -4.67 22.26 16.53
N GLY A 243 -5.33 21.50 17.40
CA GLY A 243 -4.67 20.45 18.19
C GLY A 243 -5.42 19.14 18.12
N GLY A 244 -4.81 18.10 18.68
CA GLY A 244 -5.44 16.78 18.81
C GLY A 244 -5.15 15.85 17.65
N LYS A 245 -6.15 15.09 17.24
CA LYS A 245 -5.95 14.05 16.22
C LYS A 245 -5.55 14.62 14.85
N TYR A 246 -5.94 15.88 14.61
CA TYR A 246 -5.54 16.61 13.41
C TYR A 246 -4.05 16.63 13.17
N VAL A 247 -3.26 16.66 14.26
CA VAL A 247 -1.84 17.01 14.16
C VAL A 247 -0.87 15.83 14.21
N LEU A 248 -1.34 14.62 14.46
CA LEU A 248 -0.42 13.51 14.72
C LEU A 248 0.58 13.21 13.57
N PRO A 249 0.11 13.02 12.33
CA PRO A 249 1.09 12.74 11.27
C PRO A 249 2.07 13.89 11.00
N THR A 250 1.59 15.13 11.14
CA THR A 250 2.47 16.29 11.04
C THR A 250 3.51 16.29 12.15
N ALA A 251 3.07 16.04 13.39
CA ALA A 251 4.00 16.00 14.52
C ALA A 251 5.06 14.91 14.34
N LEU A 252 4.62 13.70 13.98
CA LEU A 252 5.56 12.58 13.76
C LEU A 252 6.59 12.92 12.69
N ALA A 253 6.13 13.56 11.61
CA ALA A 253 7.00 13.94 10.51
C ALA A 253 8.06 14.93 10.97
N ASN A 254 7.66 15.94 11.73
CA ASN A 254 8.59 16.96 12.20
C ASN A 254 9.57 16.36 13.20
N VAL A 255 9.05 15.55 14.13
CA VAL A 255 9.93 14.85 15.09
C VAL A 255 11.03 14.09 14.34
N ASN A 256 10.62 13.29 13.36
CA ASN A 256 11.59 12.41 12.69
C ASN A 256 12.54 13.19 11.80
N ALA A 257 12.02 14.23 11.13
CA ALA A 257 12.84 15.07 10.26
C ALA A 257 13.99 15.74 11.03
N PHE A 258 13.69 16.29 12.22
CA PHE A 258 14.73 16.91 13.04
C PHE A 258 15.58 15.89 13.79
N PHE A 259 14.99 14.75 14.14
CA PHE A 259 15.76 13.65 14.73
C PHE A 259 16.93 13.27 13.81
N ARG A 260 16.66 13.17 12.52
CA ARG A 260 17.68 12.81 11.53
C ARG A 260 18.61 13.97 11.18
N ARG A 261 18.07 15.17 11.09
CA ARG A 261 18.86 16.35 10.67
C ARG A 261 19.71 16.99 11.76
N CYS A 262 19.36 16.77 13.02
CA CYS A 262 20.06 17.37 14.16
C CYS A 262 20.55 16.27 15.11
N PRO A 263 21.53 15.48 14.66
CA PRO A 263 21.98 14.32 15.45
C PRO A 263 22.61 14.67 16.80
N ASP A 264 23.14 15.89 16.93
CA ASP A 264 23.69 16.39 18.19
C ASP A 264 22.65 17.05 19.10
N LYS A 265 21.37 16.91 18.80
CA LYS A 265 20.30 17.49 19.63
C LYS A 265 19.27 16.42 19.92
N LEU A 266 18.45 16.67 20.94
CA LEU A 266 17.29 15.84 21.25
C LEU A 266 16.05 16.41 20.57
N VAL A 267 15.04 15.58 20.39
CA VAL A 267 13.74 16.04 19.92
C VAL A 267 12.68 15.60 20.92
N PHE A 268 11.75 16.51 21.20
CA PHE A 268 10.58 16.23 22.03
C PHE A 268 9.39 16.22 21.07
N GLY A 269 8.45 15.31 21.28
CA GLY A 269 7.25 15.23 20.48
C GLY A 269 6.08 15.92 21.16
N CYS A 270 5.28 16.63 20.38
CA CYS A 270 4.07 17.28 20.88
C CYS A 270 3.05 17.26 19.75
N GLY A 271 1.91 16.64 20.01
CA GLY A 271 0.83 16.62 19.03
C GLY A 271 0.16 15.27 18.87
N GLY A 272 -1.13 15.20 19.14
CA GLY A 272 -1.95 14.03 18.84
C GLY A 272 -1.87 12.86 19.79
N VAL A 273 -1.30 13.05 20.98
CA VAL A 273 -1.14 11.94 21.92
C VAL A 273 -2.37 11.81 22.82
N TYR A 274 -3.13 10.74 22.61
CA TYR A 274 -4.28 10.39 23.44
C TYR A 274 -4.12 9.05 24.16
N SER A 275 -3.07 8.32 23.84
CA SER A 275 -2.90 6.96 24.34
C SER A 275 -1.44 6.55 24.27
N GLY A 276 -1.14 5.42 24.87
CA GLY A 276 0.20 4.84 24.85
C GLY A 276 0.66 4.54 23.43
N GLU A 277 -0.27 4.19 22.54
CA GLU A 277 0.04 3.91 21.14
C GLU A 277 0.65 5.11 20.43
N GLU A 278 0.02 6.28 20.57
CA GLU A 278 0.57 7.51 19.95
C GLU A 278 1.91 7.90 20.57
N ALA A 279 2.04 7.72 21.88
CA ALA A 279 3.32 7.96 22.56
C ALA A 279 4.42 7.07 22.01
N PHE A 280 4.09 5.79 21.85
CA PHE A 280 4.98 4.81 21.26
C PHE A 280 5.48 5.25 19.87
N LEU A 281 4.55 5.75 19.05
CA LEU A 281 4.90 6.24 17.72
C LEU A 281 5.83 7.45 17.75
N HIS A 282 5.56 8.38 18.65
CA HIS A 282 6.43 9.56 18.83
C HIS A 282 7.85 9.14 19.19
N ILE A 283 7.95 8.19 20.12
CA ILE A 283 9.25 7.70 20.58
C ILE A 283 9.98 6.94 19.46
N LEU A 284 9.25 6.08 18.74
CA LEU A 284 9.79 5.42 17.55
C LEU A 284 10.38 6.41 16.54
N ALA A 285 9.68 7.53 16.34
CA ALA A 285 10.09 8.57 15.41
C ALA A 285 11.31 9.35 15.90
N GLY A 286 11.63 9.24 17.19
CA GLY A 286 12.83 9.85 17.78
C GLY A 286 12.65 10.62 19.07
N ALA A 287 11.41 10.75 19.57
CA ALA A 287 11.15 11.61 20.71
C ALA A 287 11.78 11.09 22.02
N SER A 288 12.43 12.01 22.74
CA SER A 288 12.95 11.77 24.09
C SER A 288 11.89 12.01 25.16
N MET A 289 11.16 13.11 25.05
CA MET A 289 10.00 13.40 25.87
C MET A 289 8.78 13.57 24.97
N VAL A 290 7.60 13.33 25.53
CA VAL A 290 6.34 13.37 24.81
C VAL A 290 5.41 14.30 25.59
N GLN A 291 4.94 15.34 24.92
CA GLN A 291 4.10 16.35 25.56
C GLN A 291 2.65 16.08 25.18
N VAL A 292 1.77 16.25 26.16
CA VAL A 292 0.34 15.95 26.00
C VAL A 292 -0.42 17.27 26.14
N GLY A 293 -1.27 17.56 25.15
CA GLY A 293 -2.01 18.81 25.11
C GLY A 293 -3.52 18.62 25.21
N THR A 294 -4.18 18.55 24.05
CA THR A 294 -5.64 18.47 23.99
C THR A 294 -6.20 17.33 24.85
N ALA A 295 -5.56 16.16 24.81
CA ALA A 295 -6.02 15.01 25.60
C ALA A 295 -5.98 15.28 27.10
N LEU A 296 -4.96 16.02 27.54
CA LEU A 296 -4.82 16.43 28.93
C LEU A 296 -5.85 17.48 29.30
N HIS A 297 -6.13 18.40 28.38
CA HIS A 297 -7.18 19.38 28.62
C HIS A 297 -8.51 18.68 28.88
N ASP A 298 -8.82 17.67 28.05
CA ASP A 298 -10.07 16.90 28.15
C ASP A 298 -10.16 16.05 29.42
N GLU A 299 -9.09 15.33 29.72
CA GLU A 299 -9.11 14.24 30.72
C GLU A 299 -8.61 14.63 32.10
N GLY A 300 -7.77 15.67 32.16
CA GLY A 300 -7.13 16.06 33.40
C GLY A 300 -5.89 15.24 33.67
N PRO A 301 -5.14 15.57 34.73
CA PRO A 301 -3.81 14.99 35.00
C PRO A 301 -3.79 13.49 35.32
N ILE A 302 -4.95 12.88 35.60
CA ILE A 302 -5.02 11.41 35.71
C ILE A 302 -4.58 10.71 34.42
N ILE A 303 -4.66 11.40 33.28
CA ILE A 303 -4.19 10.87 32.01
C ILE A 303 -2.75 10.31 32.07
N PHE A 304 -1.88 10.92 32.86
CA PHE A 304 -0.47 10.50 32.93
C PHE A 304 -0.32 9.10 33.51
N ALA A 305 -1.14 8.77 34.51
CA ALA A 305 -1.20 7.41 35.04
C ALA A 305 -1.62 6.42 33.96
N ARG A 306 -2.64 6.78 33.19
CA ARG A 306 -3.12 5.93 32.10
C ARG A 306 -2.05 5.76 31.00
N LEU A 307 -1.41 6.86 30.60
CA LEU A 307 -0.39 6.79 29.55
C LEU A 307 0.79 5.90 29.95
N ASN A 308 1.22 6.01 31.20
CA ASN A 308 2.30 5.15 31.71
C ASN A 308 1.92 3.68 31.60
N LYS A 309 0.70 3.36 32.03
CA LYS A 309 0.20 1.99 31.97
C LYS A 309 0.11 1.47 30.55
N GLU A 310 -0.46 2.27 29.65
CA GLU A 310 -0.61 1.88 28.25
C GLU A 310 0.71 1.70 27.52
N LEU A 311 1.66 2.60 27.77
CA LEU A 311 2.97 2.46 27.15
C LEU A 311 3.69 1.20 27.64
N GLN A 312 3.62 0.96 28.95
CA GLN A 312 4.15 -0.28 29.55
C GLN A 312 3.53 -1.54 28.94
N GLU A 313 2.21 -1.52 28.73
CA GLU A 313 1.50 -2.63 28.07
C GLU A 313 2.05 -2.93 26.68
N ILE A 314 2.24 -1.89 25.88
CA ILE A 314 2.78 -2.04 24.51
C ILE A 314 4.19 -2.62 24.58
N MET A 315 5.02 -2.10 25.47
CA MET A 315 6.37 -2.60 25.64
C MET A 315 6.40 -4.06 26.08
N THR A 316 5.50 -4.42 27.00
CA THR A 316 5.40 -5.81 27.48
C THR A 316 5.01 -6.73 26.33
N ASN A 317 4.04 -6.30 25.53
CA ASN A 317 3.62 -7.08 24.35
C ASN A 317 4.73 -7.26 23.32
N LYS A 318 5.59 -6.26 23.15
CA LYS A 318 6.69 -6.33 22.19
C LYS A 318 7.98 -6.91 22.75
N GLY A 319 8.05 -7.09 24.06
CA GLY A 319 9.23 -7.61 24.72
C GLY A 319 10.33 -6.59 24.98
N TYR A 320 9.96 -5.30 24.99
CA TYR A 320 10.91 -4.22 25.28
C TYR A 320 11.00 -3.94 26.77
N LYS A 321 12.23 -3.74 27.25
CA LYS A 321 12.49 -3.43 28.66
C LYS A 321 12.69 -1.94 28.94
N THR A 322 13.19 -1.20 27.96
CA THR A 322 13.45 0.24 28.10
C THR A 322 13.03 0.98 26.83
N LEU A 323 12.86 2.28 26.97
CA LEU A 323 12.53 3.13 25.81
C LEU A 323 13.67 3.20 24.79
N ASP A 324 14.89 3.05 25.28
CA ASP A 324 16.08 3.16 24.43
C ASP A 324 16.19 2.02 23.41
N GLU A 325 15.51 0.91 23.69
CA GLU A 325 15.40 -0.21 22.76
C GLU A 325 14.70 0.13 21.46
N PHE A 326 13.80 1.13 21.47
CA PHE A 326 13.08 1.49 20.25
C PHE A 326 13.07 2.97 19.89
N ARG A 327 13.61 3.85 20.74
CA ARG A 327 13.62 5.28 20.41
C ARG A 327 14.37 5.54 19.11
N GLY A 328 13.70 6.21 18.18
CA GLY A 328 14.30 6.55 16.90
C GLY A 328 14.55 5.37 15.98
N ARG A 329 13.89 4.25 16.22
CA ARG A 329 14.12 3.03 15.45
C ARG A 329 12.98 2.73 14.47
N VAL A 330 12.16 3.73 14.15
CA VAL A 330 11.19 3.60 13.08
C VAL A 330 11.85 3.03 11.82
N LYS A 331 11.18 2.05 11.20
CA LYS A 331 11.70 1.40 10.01
C LYS A 331 11.13 2.03 8.76
N THR A 332 12.00 2.24 7.76
CA THR A 332 11.57 2.71 6.45
C THR A 332 11.69 1.59 5.44
N MET A 333 11.05 1.78 4.30
CA MET A 333 11.09 0.81 3.20
C MET A 333 12.12 1.17 2.14
N ASP A 334 12.68 2.38 2.22
CA ASP A 334 13.76 2.83 1.33
C ASP A 334 15.04 3.08 2.14
N MET B 22 -34.84 25.81 -6.45
CA MET B 22 -33.45 25.64 -5.89
C MET B 22 -32.46 25.39 -7.02
N SER B 23 -31.30 26.04 -6.97
CA SER B 23 -30.29 25.91 -8.00
C SER B 23 -28.90 25.73 -7.41
N LEU B 24 -28.19 24.71 -7.90
CA LEU B 24 -26.78 24.52 -7.59
C LEU B 24 -25.86 25.10 -8.67
N LYS B 25 -26.43 25.81 -9.65
CA LYS B 25 -25.63 26.29 -10.76
C LYS B 25 -24.58 27.32 -10.35
N VAL B 26 -23.46 27.30 -11.07
CA VAL B 26 -22.37 28.24 -10.90
C VAL B 26 -22.04 28.80 -12.27
N ASN B 27 -21.97 30.12 -12.37
CA ASN B 27 -21.62 30.81 -13.61
C ASN B 27 -20.34 31.59 -13.38
N ILE B 28 -19.22 31.06 -13.86
CA ILE B 28 -17.92 31.70 -13.65
C ILE B 28 -17.03 31.47 -14.86
N LEU B 29 -16.04 32.36 -15.02
CA LEU B 29 -14.99 32.18 -16.03
C LEU B 29 -15.52 32.01 -17.46
N GLY B 30 -16.69 32.57 -17.73
CA GLY B 30 -17.35 32.42 -19.02
C GLY B 30 -17.99 31.07 -19.31
N HIS B 31 -18.26 30.28 -18.26
CA HIS B 31 -18.91 28.97 -18.40
C HIS B 31 -20.06 28.78 -17.43
N GLU B 32 -20.99 27.91 -17.81
CA GLU B 32 -22.09 27.47 -16.95
C GLU B 32 -21.72 26.10 -16.40
N PHE B 33 -21.87 25.95 -15.09
CA PHE B 33 -21.60 24.68 -14.41
C PHE B 33 -22.89 24.24 -13.73
N SER B 34 -23.24 22.96 -13.86
CA SER B 34 -24.49 22.43 -13.30
C SER B 34 -24.52 22.45 -11.77
N ASN B 35 -23.34 22.31 -11.19
CA ASN B 35 -23.18 22.32 -9.74
C ASN B 35 -21.72 22.63 -9.44
N PRO B 36 -21.37 22.88 -8.17
CA PRO B 36 -20.00 23.32 -7.88
C PRO B 36 -18.94 22.22 -7.79
N PHE B 37 -19.32 20.96 -7.96
CA PHE B 37 -18.41 19.85 -7.65
C PHE B 37 -17.57 19.38 -8.81
N MET B 38 -16.33 19.02 -8.48
CA MET B 38 -15.39 18.40 -9.40
C MET B 38 -14.41 17.56 -8.61
N ASN B 39 -13.61 16.77 -9.32
CA ASN B 39 -12.53 16.04 -8.69
C ASN B 39 -11.38 16.97 -8.35
N ALA B 40 -10.59 16.59 -7.35
CA ALA B 40 -9.25 17.16 -7.19
C ALA B 40 -8.32 16.53 -8.24
N ALA B 41 -7.31 17.27 -8.67
CA ALA B 41 -6.46 16.86 -9.81
C ALA B 41 -5.50 15.68 -9.57
N GLY B 42 -5.61 14.99 -8.44
CA GLY B 42 -4.88 13.74 -8.23
C GLY B 42 -5.75 12.50 -8.30
N VAL B 43 -7.07 12.68 -8.44
CA VAL B 43 -8.03 11.58 -8.25
C VAL B 43 -8.93 11.40 -9.47
N LEU B 44 -9.00 10.14 -9.93
CA LEU B 44 -9.88 9.73 -11.03
C LEU B 44 -9.75 10.58 -12.29
N CYS B 45 -8.51 10.81 -12.72
CA CYS B 45 -8.29 11.70 -13.87
C CYS B 45 -6.99 11.50 -14.63
N THR B 46 -6.35 10.34 -14.48
CA THR B 46 -5.05 10.10 -15.09
C THR B 46 -5.19 9.54 -16.50
N THR B 47 -6.12 8.61 -16.67
CA THR B 47 -6.32 7.90 -17.95
C THR B 47 -7.60 8.31 -18.66
N GLU B 48 -7.72 7.92 -19.92
CA GLU B 48 -8.95 8.18 -20.68
C GLU B 48 -10.18 7.58 -20.00
N GLU B 49 -10.03 6.38 -19.46
CA GLU B 49 -11.15 5.74 -18.75
C GLU B 49 -11.55 6.52 -17.49
N ASP B 50 -10.56 6.96 -16.71
CA ASP B 50 -10.80 7.82 -15.53
C ASP B 50 -11.63 9.05 -15.92
N LEU B 51 -11.17 9.72 -16.97
CA LEU B 51 -11.81 10.96 -17.42
C LEU B 51 -13.22 10.71 -17.99
N ARG B 52 -13.42 9.57 -18.66
CA ARG B 52 -14.77 9.17 -19.08
C ARG B 52 -15.70 9.02 -17.89
N ARG B 53 -15.23 8.33 -16.85
CA ARG B 53 -16.02 8.12 -15.64
C ARG B 53 -16.36 9.44 -14.95
N MET B 54 -15.39 10.36 -14.90
CA MET B 54 -15.68 11.71 -14.37
C MET B 54 -16.71 12.45 -15.20
N THR B 55 -16.60 12.36 -16.52
CA THR B 55 -17.51 13.06 -17.42
C THR B 55 -18.93 12.49 -17.31
N GLU B 56 -19.03 11.18 -17.17
CA GLU B 56 -20.34 10.53 -17.04
C GLU B 56 -20.99 10.70 -15.67
N SER B 57 -20.21 11.11 -14.67
CA SER B 57 -20.71 11.37 -13.34
C SER B 57 -21.60 12.63 -13.30
N GLU B 58 -22.21 12.84 -12.15
CA GLU B 58 -23.03 14.03 -11.88
C GLU B 58 -22.20 15.28 -11.51
N SER B 59 -20.88 15.19 -11.51
CA SER B 59 -20.02 16.36 -11.20
C SER B 59 -20.29 17.53 -12.14
N GLY B 60 -20.19 18.75 -11.62
CA GLY B 60 -20.31 19.94 -12.44
C GLY B 60 -19.14 20.19 -13.36
N SER B 61 -17.97 19.67 -13.01
CA SER B 61 -16.80 19.73 -13.89
C SER B 61 -15.83 18.61 -13.56
N LEU B 62 -14.67 18.68 -14.19
CA LEU B 62 -13.60 17.72 -13.94
C LEU B 62 -12.29 18.38 -14.31
N ILE B 63 -11.21 17.85 -13.75
CA ILE B 63 -9.87 18.33 -14.04
C ILE B 63 -8.95 17.16 -14.35
N GLY B 64 -8.15 17.32 -15.39
CA GLY B 64 -7.14 16.31 -15.75
C GLY B 64 -6.02 16.24 -14.73
N LYS B 65 -5.41 15.06 -14.63
CA LYS B 65 -4.29 14.82 -13.71
C LYS B 65 -3.21 15.86 -13.90
N SER B 66 -2.66 16.35 -12.78
CA SER B 66 -1.52 17.26 -12.79
C SER B 66 -0.41 16.63 -13.62
N CYS B 67 -0.06 17.29 -14.72
CA CYS B 67 0.78 16.64 -15.73
C CYS B 67 2.10 17.37 -15.92
N THR B 68 3.00 16.73 -16.66
CA THR B 68 4.34 17.23 -16.91
C THR B 68 4.56 17.13 -18.42
N LEU B 69 5.63 17.76 -18.91
CA LEU B 69 5.85 17.84 -20.35
C LEU B 69 6.03 16.45 -20.95
N ALA B 70 6.82 15.61 -20.28
CA ALA B 70 6.99 14.21 -20.66
C ALA B 70 6.24 13.32 -19.65
N PRO B 71 5.85 12.10 -20.07
CA PRO B 71 5.20 11.18 -19.13
C PRO B 71 6.05 10.87 -17.90
N ARG B 72 5.38 10.55 -16.81
CA ARG B 72 6.01 10.10 -15.58
C ARG B 72 5.29 8.85 -15.09
N THR B 73 6.06 7.89 -14.59
CA THR B 73 5.49 6.74 -13.88
C THR B 73 5.35 7.01 -12.38
N GLY B 74 6.03 8.02 -11.87
CA GLY B 74 5.88 8.42 -10.46
C GLY B 74 6.80 7.70 -9.49
N ASN B 75 6.48 7.81 -8.21
CA ASN B 75 7.31 7.25 -7.15
C ASN B 75 7.12 5.74 -6.97
N PRO B 76 8.08 5.07 -6.29
CA PRO B 76 7.98 3.63 -6.08
C PRO B 76 6.89 3.24 -5.07
N GLU B 77 6.47 1.98 -5.16
CA GLU B 77 5.38 1.43 -4.33
C GLU B 77 5.88 0.83 -3.02
N PRO B 78 5.05 0.81 -1.98
CA PRO B 78 3.70 1.41 -1.94
C PRO B 78 3.75 2.92 -1.75
N ARG B 79 2.82 3.62 -2.38
CA ARG B 79 2.81 5.09 -2.35
C ARG B 79 1.47 5.71 -1.99
N TYR B 80 0.50 4.89 -1.61
CA TYR B 80 -0.81 5.35 -1.18
C TYR B 80 -1.26 4.48 -0.01
N PHE B 81 -1.76 5.11 1.04
CA PHE B 81 -2.29 4.38 2.19
C PHE B 81 -3.52 5.08 2.75
N GLY B 82 -4.64 4.37 2.78
CA GLY B 82 -5.89 4.89 3.32
C GLY B 82 -5.87 4.86 4.83
N LEU B 83 -6.37 5.92 5.44
CA LEU B 83 -6.37 6.10 6.89
C LEU B 83 -7.79 6.29 7.41
N PRO B 84 -8.03 5.97 8.70
CA PRO B 84 -9.33 6.29 9.32
C PRO B 84 -9.81 7.71 9.07
N LEU B 85 -8.91 8.68 9.15
CA LEU B 85 -9.26 10.10 8.95
C LEU B 85 -8.90 10.69 7.59
N GLY B 86 -8.54 9.84 6.62
CA GLY B 86 -8.23 10.34 5.28
C GLY B 86 -7.25 9.48 4.52
N SER B 87 -6.12 10.05 4.14
CA SER B 87 -5.13 9.31 3.36
C SER B 87 -3.78 9.97 3.47
N ILE B 88 -2.75 9.17 3.17
CA ILE B 88 -1.41 9.68 2.96
C ILE B 88 -0.95 9.12 1.62
N ASN B 89 -0.26 9.94 0.84
CA ASN B 89 0.24 9.50 -0.45
C ASN B 89 1.55 10.19 -0.83
N SER B 90 2.32 9.51 -1.67
CA SER B 90 3.45 10.12 -2.34
C SER B 90 3.49 9.62 -3.78
N MET B 91 2.53 10.06 -4.57
CA MET B 91 2.31 9.47 -5.89
C MET B 91 3.46 9.88 -6.80
N GLY B 92 3.86 11.14 -6.73
CA GLY B 92 5.00 11.66 -7.50
C GLY B 92 4.66 12.05 -8.92
N LEU B 93 3.47 12.61 -9.11
CA LEU B 93 2.94 13.07 -10.41
C LEU B 93 3.01 12.03 -11.53
N PRO B 94 2.50 10.80 -11.28
CA PRO B 94 2.37 9.88 -12.41
C PRO B 94 1.35 10.43 -13.39
N ASN B 95 1.73 10.51 -14.66
CA ASN B 95 0.86 11.08 -15.67
C ASN B 95 1.31 10.68 -17.07
N LEU B 96 0.39 10.74 -18.02
CA LEU B 96 0.63 10.32 -19.42
C LEU B 96 1.31 11.34 -20.33
N GLY B 97 1.76 12.45 -19.74
CA GLY B 97 2.41 13.54 -20.47
C GLY B 97 1.41 14.56 -20.99
N VAL B 98 1.87 15.80 -21.17
CA VAL B 98 0.96 16.88 -21.55
C VAL B 98 0.23 16.63 -22.87
N ASP B 99 0.91 16.01 -23.83
CA ASP B 99 0.29 15.73 -25.14
C ASP B 99 -0.97 14.86 -25.01
N PHE B 100 -0.95 13.93 -24.06
CA PHE B 100 -2.12 13.10 -23.83
C PHE B 100 -3.33 13.93 -23.38
N TYR B 101 -3.12 14.79 -22.38
CA TYR B 101 -4.21 15.57 -21.79
C TYR B 101 -4.71 16.63 -22.78
N LEU B 102 -3.81 17.19 -23.57
CA LEU B 102 -4.19 18.13 -24.63
C LEU B 102 -5.00 17.47 -25.72
N SER B 103 -4.60 16.26 -26.12
CA SER B 103 -5.37 15.48 -27.09
C SER B 103 -6.76 15.13 -26.55
N TYR B 104 -6.84 14.74 -25.28
CA TYR B 104 -8.13 14.52 -24.63
C TYR B 104 -9.01 15.79 -24.70
N ALA B 105 -8.43 16.92 -24.36
CA ALA B 105 -9.12 18.22 -24.34
C ALA B 105 -9.59 18.65 -25.74
N ALA B 106 -8.75 18.36 -26.74
CA ALA B 106 -9.01 18.79 -28.12
C ALA B 106 -9.93 17.84 -28.90
N GLN B 107 -9.83 16.53 -28.63
CA GLN B 107 -10.51 15.51 -29.45
C GLN B 107 -11.59 14.67 -28.77
N THR B 108 -11.45 14.42 -27.48
CA THR B 108 -12.24 13.39 -26.80
C THR B 108 -13.32 13.93 -25.88
N HIS B 109 -12.99 14.96 -25.09
CA HIS B 109 -13.90 15.41 -24.08
C HIS B 109 -15.23 15.94 -24.63
N ASP B 110 -16.32 15.54 -24.00
CA ASP B 110 -17.65 16.03 -24.35
C ASP B 110 -17.98 17.30 -23.56
N TYR B 111 -17.72 18.45 -24.18
CA TYR B 111 -18.00 19.76 -23.55
C TYR B 111 -19.49 20.07 -23.38
N SER B 112 -20.36 19.38 -24.11
CA SER B 112 -21.80 19.50 -23.89
C SER B 112 -22.23 18.95 -22.53
N ARG B 113 -21.46 18.01 -21.98
CA ARG B 113 -21.69 17.48 -20.65
C ARG B 113 -21.27 18.45 -19.56
N LYS B 114 -20.01 18.91 -19.63
CA LYS B 114 -19.43 19.80 -18.60
C LYS B 114 -18.13 20.42 -19.07
N PRO B 115 -17.75 21.59 -18.50
CA PRO B 115 -16.43 22.15 -18.84
C PRO B 115 -15.27 21.31 -18.32
N LEU B 116 -14.10 21.51 -18.92
CA LEU B 116 -12.89 20.77 -18.56
C LEU B 116 -11.79 21.72 -18.12
N PHE B 117 -11.16 21.38 -16.99
CA PHE B 117 -9.92 22.00 -16.55
C PHE B 117 -8.77 21.02 -16.82
N LEU B 118 -7.58 21.55 -17.05
CA LEU B 118 -6.35 20.77 -17.01
C LEU B 118 -5.43 21.31 -15.94
N SER B 119 -4.85 20.42 -15.15
CA SER B 119 -3.84 20.78 -14.16
C SER B 119 -2.47 20.57 -14.78
N MET B 120 -1.66 21.64 -14.82
CA MET B 120 -0.31 21.55 -15.37
C MET B 120 0.70 21.81 -14.26
N SER B 121 1.62 20.85 -14.11
CA SER B 121 2.53 20.81 -12.98
C SER B 121 3.97 20.54 -13.45
N GLY B 122 4.45 21.38 -14.37
CA GLY B 122 5.86 21.35 -14.79
C GLY B 122 6.78 21.53 -13.59
N LEU B 123 7.95 20.89 -13.61
CA LEU B 123 8.86 20.91 -12.46
C LEU B 123 9.92 22.02 -12.53
N SER B 124 9.81 22.87 -13.54
CA SER B 124 10.56 24.11 -13.65
C SER B 124 9.69 25.13 -14.37
N VAL B 125 10.03 26.41 -14.27
CA VAL B 125 9.26 27.45 -14.98
C VAL B 125 9.34 27.24 -16.50
N GLU B 126 10.52 26.87 -16.98
CA GLU B 126 10.74 26.61 -18.40
C GLU B 126 9.81 25.48 -18.89
N GLU B 127 9.69 24.41 -18.11
CA GLU B 127 8.79 23.32 -18.46
C GLU B 127 7.32 23.77 -18.47
N SER B 128 6.92 24.51 -17.44
CA SER B 128 5.57 25.02 -17.36
C SER B 128 5.22 25.94 -18.54
N VAL B 129 6.15 26.79 -18.92
CA VAL B 129 5.96 27.67 -20.09
C VAL B 129 5.77 26.87 -21.37
N GLU B 130 6.61 25.87 -21.62
CA GLU B 130 6.45 25.00 -22.77
C GLU B 130 5.07 24.35 -22.81
N MET B 131 4.60 23.89 -21.65
CA MET B 131 3.31 23.22 -21.57
C MET B 131 2.11 24.14 -21.84
N VAL B 132 2.10 25.32 -21.20
CA VAL B 132 0.96 26.23 -21.33
C VAL B 132 0.86 26.83 -22.75
N LYS B 133 1.99 26.98 -23.42
CA LYS B 133 2.00 27.43 -24.81
C LYS B 133 1.22 26.47 -25.72
N LYS B 134 1.38 25.17 -25.49
CA LYS B 134 0.64 24.16 -26.25
C LYS B 134 -0.86 24.21 -26.00
N LEU B 135 -1.25 24.63 -24.79
CA LEU B 135 -2.66 24.71 -24.44
C LEU B 135 -3.40 25.88 -25.10
N VAL B 136 -2.68 26.97 -25.40
CA VAL B 136 -3.30 28.21 -25.90
C VAL B 136 -4.33 27.97 -27.02
N PRO B 137 -3.91 27.30 -28.12
CA PRO B 137 -4.88 27.08 -29.20
C PRO B 137 -6.10 26.25 -28.82
N ILE B 138 -5.91 25.31 -27.88
CA ILE B 138 -6.99 24.45 -27.43
C ILE B 138 -7.96 25.20 -26.52
N THR B 139 -7.44 26.05 -25.63
CA THR B 139 -8.28 26.95 -24.86
C THR B 139 -9.12 27.83 -25.79
N LYS B 140 -8.48 28.45 -26.78
CA LYS B 140 -9.20 29.35 -27.69
C LYS B 140 -10.32 28.64 -28.47
N GLU B 141 -10.05 27.42 -28.91
CA GLU B 141 -11.01 26.62 -29.68
C GLU B 141 -12.09 25.95 -28.83
N LYS B 142 -11.69 25.33 -27.73
CA LYS B 142 -12.59 24.48 -26.93
C LYS B 142 -13.02 25.05 -25.58
N GLY B 143 -12.35 26.09 -25.10
CA GLY B 143 -12.67 26.66 -23.78
C GLY B 143 -12.02 25.95 -22.60
N THR B 144 -11.06 25.07 -22.85
CA THR B 144 -10.35 24.32 -21.79
C THR B 144 -9.69 25.30 -20.80
N ILE B 145 -9.86 25.07 -19.50
CA ILE B 145 -9.40 26.00 -18.47
C ILE B 145 -8.11 25.47 -17.80
N LEU B 146 -7.14 26.34 -17.60
CA LEU B 146 -5.85 25.98 -16.99
C LEU B 146 -5.85 26.21 -15.48
N GLU B 147 -5.43 25.19 -14.72
CA GLU B 147 -5.08 25.34 -13.30
C GLU B 147 -3.59 25.02 -13.16
N LEU B 148 -2.77 26.05 -12.96
CA LEU B 148 -1.33 25.91 -12.81
C LEU B 148 -1.04 25.40 -11.39
N ASN B 149 -0.36 24.27 -11.29
CA ASN B 149 -0.09 23.65 -9.99
C ASN B 149 1.23 24.15 -9.39
N LEU B 150 1.12 24.85 -8.26
CA LEU B 150 2.30 25.33 -7.53
C LEU B 150 2.46 24.66 -6.17
N SER B 151 1.93 23.44 -6.06
CA SER B 151 1.68 22.82 -4.74
C SER B 151 2.12 21.38 -4.53
N CYS B 152 2.65 20.68 -5.54
CA CYS B 152 2.91 19.23 -5.36
C CYS B 152 3.98 19.01 -4.28
N PRO B 153 3.65 18.28 -3.19
CA PRO B 153 4.60 18.03 -2.11
C PRO B 153 5.32 16.69 -2.22
N ASN B 154 5.17 15.96 -3.33
CA ASN B 154 5.64 14.57 -3.41
C ASN B 154 6.72 14.26 -4.44
N VAL B 155 7.32 15.27 -5.05
CA VAL B 155 8.41 15.04 -5.99
C VAL B 155 9.76 15.23 -5.26
N PRO B 156 10.55 14.14 -5.12
CA PRO B 156 11.83 14.29 -4.40
C PRO B 156 12.74 15.34 -5.06
N GLY B 157 13.25 16.25 -4.25
CA GLY B 157 14.13 17.32 -4.73
C GLY B 157 13.46 18.55 -5.33
N LYS B 158 12.12 18.59 -5.32
CA LYS B 158 11.35 19.69 -5.88
C LYS B 158 10.40 20.26 -4.81
N PRO B 159 10.86 21.29 -4.07
CA PRO B 159 10.03 21.96 -3.04
C PRO B 159 8.75 22.57 -3.60
N GLN B 160 7.72 22.71 -2.76
CA GLN B 160 6.46 23.31 -3.17
C GLN B 160 6.69 24.77 -3.57
N VAL B 161 6.44 25.10 -4.83
CA VAL B 161 6.72 26.43 -5.36
C VAL B 161 5.99 27.53 -4.59
N GLY B 162 4.76 27.25 -4.18
CA GLY B 162 3.95 28.23 -3.46
C GLY B 162 4.51 28.69 -2.12
N TYR B 163 5.48 27.96 -1.58
CA TYR B 163 6.17 28.37 -0.34
C TYR B 163 7.37 29.29 -0.55
N ASP B 164 7.71 29.57 -1.82
CA ASP B 164 8.77 30.51 -2.20
C ASP B 164 8.10 31.62 -2.99
N PHE B 165 7.92 32.79 -2.36
CA PHE B 165 7.13 33.84 -2.99
C PHE B 165 7.84 34.51 -4.18
N ASP B 166 9.17 34.54 -4.16
CA ASP B 166 9.95 35.00 -5.31
C ASP B 166 9.81 34.06 -6.51
N THR B 167 9.94 32.75 -6.26
CA THR B 167 9.77 31.76 -7.33
C THR B 167 8.33 31.75 -7.85
N THR B 168 7.36 31.86 -6.94
CA THR B 168 5.96 31.95 -7.34
C THR B 168 5.74 33.12 -8.28
N ARG B 169 6.27 34.29 -7.93
CA ARG B 169 6.18 35.48 -8.78
C ARG B 169 6.71 35.18 -10.19
N THR B 170 7.86 34.51 -10.27
CA THR B 170 8.45 34.14 -11.56
C THR B 170 7.54 33.23 -12.39
N TYR B 171 7.00 32.17 -11.78
CA TYR B 171 6.05 31.29 -12.47
C TYR B 171 4.84 32.07 -12.99
N LEU B 172 4.27 32.93 -12.15
CA LEU B 172 3.09 33.69 -12.55
C LEU B 172 3.39 34.70 -13.67
N GLN B 173 4.55 35.33 -13.60
CA GLN B 173 4.98 36.27 -14.63
C GLN B 173 5.13 35.55 -15.97
N LYS B 174 5.91 34.48 -15.98
CA LYS B 174 6.21 33.76 -17.22
C LYS B 174 5.01 33.01 -17.82
N VAL B 175 4.16 32.43 -16.97
CA VAL B 175 2.95 31.79 -17.46
C VAL B 175 1.94 32.84 -17.95
N SER B 176 1.79 33.95 -17.24
CA SER B 176 0.90 35.02 -17.69
C SER B 176 1.31 35.48 -19.09
N GLU B 177 2.62 35.64 -19.28
CA GLU B 177 3.18 36.08 -20.57
C GLU B 177 2.99 35.05 -21.68
N ALA B 178 3.31 33.80 -21.38
CA ALA B 178 3.27 32.72 -22.38
C ALA B 178 1.87 32.26 -22.73
N TYR B 179 0.99 32.20 -21.73
CA TYR B 179 -0.35 31.70 -21.93
C TYR B 179 -1.28 32.83 -22.40
N GLY B 180 -1.25 33.95 -21.69
CA GLY B 180 -1.96 35.16 -22.12
C GLY B 180 -3.47 35.17 -22.00
N LEU B 181 -4.02 34.16 -21.33
CA LEU B 181 -5.45 34.00 -21.13
C LEU B 181 -5.70 33.81 -19.64
N PRO B 182 -6.95 34.01 -19.20
CA PRO B 182 -7.28 33.77 -17.79
C PRO B 182 -6.95 32.34 -17.38
N PHE B 183 -6.40 32.19 -16.17
CA PHE B 183 -6.08 30.88 -15.63
C PHE B 183 -6.17 30.90 -14.12
N GLY B 184 -6.06 29.74 -13.51
CA GLY B 184 -6.02 29.64 -12.05
C GLY B 184 -4.77 28.98 -11.55
N VAL B 185 -4.62 28.98 -10.24
CA VAL B 185 -3.44 28.42 -9.58
C VAL B 185 -3.88 27.56 -8.42
N LYS B 186 -3.23 26.41 -8.24
CA LYS B 186 -3.47 25.58 -7.06
C LYS B 186 -2.34 25.79 -6.07
N MET B 187 -2.70 26.15 -4.85
CA MET B 187 -1.73 26.56 -3.85
C MET B 187 -1.56 25.53 -2.74
N PRO B 188 -0.37 25.47 -2.14
CA PRO B 188 -0.20 24.71 -0.91
C PRO B 188 -0.88 25.46 0.24
N PRO B 189 -1.20 24.75 1.33
CA PRO B 189 -1.82 25.43 2.47
C PRO B 189 -0.84 26.33 3.22
N TYR B 190 -1.32 27.50 3.63
CA TYR B 190 -0.54 28.39 4.51
C TYR B 190 -1.10 28.33 5.93
N PHE B 191 -0.21 28.58 6.89
CA PHE B 191 -0.52 28.42 8.32
C PHE B 191 -0.17 29.64 9.19
N ASP B 192 0.08 30.77 8.54
CA ASP B 192 0.42 32.01 9.22
C ASP B 192 -0.20 33.17 8.48
N ILE B 193 -0.68 34.13 9.22
CA ILE B 193 -1.41 35.26 8.65
C ILE B 193 -0.49 36.04 7.71
N ALA B 194 0.79 36.18 8.08
CA ALA B 194 1.77 36.87 7.25
C ALA B 194 1.92 36.20 5.88
N HIS B 195 1.82 34.88 5.85
CA HIS B 195 1.87 34.14 4.58
C HIS B 195 0.65 34.36 3.71
N PHE B 196 -0.54 34.43 4.32
CA PHE B 196 -1.73 34.80 3.54
C PHE B 196 -1.52 36.18 2.90
N ASP B 197 -1.00 37.12 3.69
CA ASP B 197 -0.74 38.48 3.19
C ASP B 197 0.28 38.49 2.06
N MET B 198 1.39 37.78 2.25
CA MET B 198 2.44 37.74 1.24
C MET B 198 2.00 37.03 -0.03
N ALA B 199 1.32 35.89 0.12
CA ALA B 199 0.78 35.16 -1.03
C ALA B 199 -0.19 36.00 -1.83
N ALA B 200 -1.11 36.67 -1.14
CA ALA B 200 -2.10 37.51 -1.80
C ALA B 200 -1.45 38.69 -2.53
N ALA B 201 -0.40 39.26 -1.93
CA ALA B 201 0.33 40.37 -2.55
C ALA B 201 0.94 39.96 -3.90
N VAL B 202 1.47 38.74 -3.98
CA VAL B 202 2.01 38.22 -5.23
C VAL B 202 0.86 37.96 -6.23
N LEU B 203 -0.15 37.21 -5.80
CA LEU B 203 -1.27 36.84 -6.69
C LEU B 203 -1.98 38.06 -7.26
N ASN B 204 -2.14 39.10 -6.45
CA ASN B 204 -2.85 40.31 -6.88
C ASN B 204 -2.07 41.19 -7.87
N ASP B 205 -0.80 40.88 -8.11
CA ASP B 205 -0.05 41.53 -9.19
C ASP B 205 -0.27 40.93 -10.59
N PHE B 206 -1.07 39.87 -10.67
CA PHE B 206 -1.28 39.13 -11.92
C PHE B 206 -2.75 39.04 -12.28
N PRO B 207 -3.21 40.00 -13.09
CA PRO B 207 -4.64 40.07 -13.41
C PRO B 207 -5.20 38.86 -14.16
N LEU B 208 -4.35 38.11 -14.87
CA LEU B 208 -4.82 36.90 -15.56
C LEU B 208 -5.09 35.72 -14.62
N VAL B 209 -4.57 35.77 -13.39
CA VAL B 209 -4.91 34.75 -12.40
C VAL B 209 -6.32 35.07 -11.90
N LYS B 210 -7.30 34.32 -12.39
CA LYS B 210 -8.71 34.55 -12.04
C LYS B 210 -9.26 33.65 -10.96
N PHE B 211 -8.57 32.54 -10.66
CA PHE B 211 -8.98 31.72 -9.52
C PHE B 211 -7.79 31.12 -8.79
N ILE B 212 -8.04 30.80 -7.52
CA ILE B 212 -7.06 30.26 -6.61
C ILE B 212 -7.69 29.01 -5.99
N THR B 213 -7.04 27.86 -6.13
CA THR B 213 -7.51 26.63 -5.50
C THR B 213 -6.77 26.38 -4.18
N CYS B 214 -7.55 26.32 -3.10
CA CYS B 214 -7.09 26.16 -1.73
C CYS B 214 -7.76 24.91 -1.15
N VAL B 215 -7.05 23.82 -0.88
CA VAL B 215 -5.62 23.69 -0.92
C VAL B 215 -5.28 22.31 -1.44
N ASN B 216 -4.03 22.15 -1.86
CA ASN B 216 -3.52 20.83 -2.09
C ASN B 216 -3.26 20.24 -0.68
N SER B 217 -2.93 18.98 -0.62
CA SER B 217 -2.74 18.28 0.63
C SER B 217 -1.81 18.97 1.63
N ILE B 218 -1.96 18.58 2.89
CA ILE B 218 -1.05 19.03 3.90
C ILE B 218 0.21 18.22 3.69
N GLY B 219 1.28 18.89 3.27
CA GLY B 219 2.47 18.21 2.81
C GLY B 219 3.28 17.54 3.90
N ASN B 220 3.91 16.44 3.51
CA ASN B 220 5.01 15.85 4.29
C ASN B 220 4.68 15.47 5.73
N GLY B 221 3.52 14.82 5.88
CA GLY B 221 3.20 14.09 7.10
C GLY B 221 3.84 12.72 7.09
N LEU B 222 3.80 12.06 8.24
CA LEU B 222 4.43 10.74 8.41
C LEU B 222 3.48 9.85 9.19
N VAL B 223 3.17 8.69 8.61
CA VAL B 223 2.33 7.68 9.26
C VAL B 223 3.18 6.44 9.52
N ILE B 224 3.10 5.95 10.76
CA ILE B 224 3.85 4.78 11.20
C ILE B 224 2.85 3.74 11.71
N ASP B 225 3.01 2.50 11.27
CA ASP B 225 2.20 1.38 11.76
C ASP B 225 2.84 0.86 13.06
N PRO B 226 2.12 0.96 14.19
CA PRO B 226 2.71 0.53 15.46
C PRO B 226 2.93 -0.97 15.59
N ALA B 227 2.18 -1.78 14.83
CA ALA B 227 2.34 -3.24 14.87
C ALA B 227 3.72 -3.71 14.37
N ASN B 228 4.14 -3.19 13.22
CA ASN B 228 5.44 -3.57 12.64
C ASN B 228 6.51 -2.47 12.73
N GLU B 229 6.15 -1.35 13.37
CA GLU B 229 7.07 -0.23 13.62
C GLU B 229 7.66 0.37 12.34
N THR B 230 6.89 0.29 11.25
CA THR B 230 7.35 0.66 9.92
C THR B 230 6.45 1.73 9.33
N VAL B 231 7.04 2.63 8.56
CA VAL B 231 6.27 3.62 7.79
C VAL B 231 5.38 2.88 6.78
N VAL B 232 4.31 3.52 6.32
CA VAL B 232 3.32 2.86 5.45
C VAL B 232 3.51 3.13 3.95
N ILE B 233 4.34 4.11 3.60
CA ILE B 233 4.69 4.36 2.19
C ILE B 233 6.20 4.38 2.00
N LYS B 234 6.63 3.96 0.81
CA LYS B 234 8.04 3.79 0.48
C LYS B 234 8.82 5.07 0.19
N PRO B 235 8.28 5.96 -0.68
CA PRO B 235 9.07 7.14 -1.04
C PRO B 235 9.39 8.04 0.16
N LYS B 236 10.52 8.74 0.06
CA LYS B 236 10.88 9.80 1.00
C LYS B 236 10.80 9.41 2.49
N GLN B 237 11.26 8.20 2.80
CA GLN B 237 11.27 7.68 4.16
C GLN B 237 9.91 7.72 4.86
N GLY B 238 8.83 7.57 4.09
CA GLY B 238 7.48 7.57 4.61
C GLY B 238 6.75 8.90 4.57
N PHE B 239 7.39 9.96 4.09
CA PHE B 239 6.81 11.31 4.13
C PHE B 239 5.91 11.52 2.93
N GLY B 240 4.66 11.92 3.18
CA GLY B 240 3.67 12.05 2.11
C GLY B 240 2.58 13.04 2.46
N GLY B 241 1.82 13.43 1.44
CA GLY B 241 0.78 14.44 1.59
C GLY B 241 -0.44 13.85 2.25
N LEU B 242 -1.05 14.61 3.17
CA LEU B 242 -2.26 14.19 3.89
C LEU B 242 -3.51 14.74 3.22
N GLY B 243 -4.51 13.89 3.09
CA GLY B 243 -5.80 14.26 2.51
C GLY B 243 -6.93 13.84 3.45
N GLY B 244 -8.12 14.34 3.17
CA GLY B 244 -9.31 13.93 3.90
C GLY B 244 -9.67 14.80 5.08
N LYS B 245 -10.13 14.17 6.16
CA LYS B 245 -10.63 14.90 7.32
C LYS B 245 -9.55 15.74 8.00
N TYR B 246 -8.28 15.34 7.84
CA TYR B 246 -7.14 16.10 8.33
C TYR B 246 -7.12 17.54 7.86
N VAL B 247 -7.67 17.79 6.65
CA VAL B 247 -7.41 19.04 5.92
C VAL B 247 -8.54 20.05 6.04
N LEU B 248 -9.71 19.67 6.54
CA LEU B 248 -10.87 20.57 6.44
C LEU B 248 -10.68 21.97 7.07
N PRO B 249 -10.32 22.05 8.37
CA PRO B 249 -10.16 23.42 8.90
C PRO B 249 -9.06 24.24 8.22
N THR B 250 -7.98 23.60 7.81
CA THR B 250 -6.92 24.29 7.06
C THR B 250 -7.45 24.80 5.71
N ALA B 251 -8.21 23.96 5.02
CA ALA B 251 -8.78 24.33 3.73
C ALA B 251 -9.74 25.51 3.87
N LEU B 252 -10.65 25.44 4.84
CA LEU B 252 -11.61 26.52 5.07
C LEU B 252 -10.91 27.84 5.34
N ALA B 253 -9.87 27.79 6.15
CA ALA B 253 -9.09 28.97 6.50
C ALA B 253 -8.45 29.59 5.27
N ASN B 254 -7.83 28.75 4.45
CA ASN B 254 -7.18 29.25 3.23
C ASN B 254 -8.20 29.81 2.24
N VAL B 255 -9.33 29.11 2.06
CA VAL B 255 -10.39 29.60 1.18
C VAL B 255 -10.85 30.98 1.63
N ASN B 256 -11.16 31.11 2.91
CA ASN B 256 -11.66 32.38 3.42
C ASN B 256 -10.62 33.50 3.37
N ALA B 257 -9.37 33.15 3.71
CA ALA B 257 -8.28 34.14 3.70
C ALA B 257 -8.08 34.77 2.33
N PHE B 258 -8.09 33.94 1.29
CA PHE B 258 -7.93 34.44 -0.08
C PHE B 258 -9.21 35.05 -0.65
N PHE B 259 -10.36 34.54 -0.26
CA PHE B 259 -11.63 35.17 -0.61
C PHE B 259 -11.63 36.64 -0.22
N ARG B 260 -11.18 36.93 1.01
CA ARG B 260 -11.15 38.31 1.50
C ARG B 260 -10.01 39.14 0.91
N ARG B 261 -8.85 38.54 0.67
CA ARG B 261 -7.69 39.28 0.19
C ARG B 261 -7.61 39.48 -1.32
N CYS B 262 -8.34 38.66 -2.07
CA CYS B 262 -8.29 38.68 -3.53
C CYS B 262 -9.67 38.89 -4.13
N PRO B 263 -10.27 40.07 -3.90
CA PRO B 263 -11.63 40.35 -4.40
C PRO B 263 -11.80 40.27 -5.93
N ASP B 264 -10.73 40.52 -6.68
CA ASP B 264 -10.80 40.44 -8.14
C ASP B 264 -10.70 39.00 -8.67
N LYS B 265 -10.57 38.02 -7.78
CA LYS B 265 -10.38 36.61 -8.16
C LYS B 265 -11.46 35.74 -7.53
N LEU B 266 -11.54 34.50 -7.98
CA LEU B 266 -12.38 33.47 -7.37
C LEU B 266 -11.52 32.55 -6.55
N VAL B 267 -12.16 31.84 -5.63
CA VAL B 267 -11.47 30.81 -4.85
C VAL B 267 -12.21 29.49 -5.05
N PHE B 268 -11.46 28.42 -5.27
CA PHE B 268 -12.00 27.06 -5.29
C PHE B 268 -11.55 26.39 -4.00
N GLY B 269 -12.44 25.59 -3.42
CA GLY B 269 -12.12 24.82 -2.22
C GLY B 269 -11.70 23.41 -2.56
N CYS B 270 -10.72 22.91 -1.81
CA CYS B 270 -10.27 21.54 -1.93
C CYS B 270 -9.75 21.11 -0.56
N GLY B 271 -10.35 20.06 0.00
CA GLY B 271 -9.89 19.51 1.28
C GLY B 271 -11.02 19.14 2.22
N GLY B 272 -11.12 17.86 2.55
CA GLY B 272 -12.03 17.40 3.59
C GLY B 272 -13.50 17.31 3.27
N VAL B 273 -13.87 17.35 1.98
CA VAL B 273 -15.27 17.25 1.60
C VAL B 273 -15.69 15.78 1.50
N TYR B 274 -16.58 15.36 2.40
CA TYR B 274 -17.18 14.03 2.40
C TYR B 274 -18.69 14.09 2.28
N SER B 275 -19.27 15.28 2.33
CA SER B 275 -20.70 15.44 2.42
C SER B 275 -21.11 16.84 2.02
N GLY B 276 -22.42 17.01 1.81
CA GLY B 276 -22.99 18.31 1.51
C GLY B 276 -22.70 19.36 2.56
N GLU B 277 -22.60 18.94 3.83
CA GLU B 277 -22.32 19.86 4.93
C GLU B 277 -20.94 20.49 4.78
N GLU B 278 -19.93 19.69 4.45
CA GLU B 278 -18.59 20.23 4.23
C GLU B 278 -18.54 21.09 2.99
N ALA B 279 -19.27 20.71 1.95
CA ALA B 279 -19.39 21.54 0.75
C ALA B 279 -20.02 22.89 1.09
N PHE B 280 -21.10 22.86 1.87
CA PHE B 280 -21.76 24.08 2.34
C PHE B 280 -20.77 25.02 3.05
N LEU B 281 -19.95 24.45 3.93
CA LEU B 281 -18.95 25.24 4.65
C LEU B 281 -17.91 25.86 3.74
N HIS B 282 -17.43 25.10 2.75
CA HIS B 282 -16.49 25.64 1.78
C HIS B 282 -17.07 26.85 1.05
N ILE B 283 -18.32 26.72 0.63
CA ILE B 283 -19.00 27.79 -0.13
C ILE B 283 -19.27 28.99 0.78
N LEU B 284 -19.74 28.73 2.00
CA LEU B 284 -19.88 29.78 3.00
C LEU B 284 -18.57 30.55 3.25
N ALA B 285 -17.44 29.84 3.22
CA ALA B 285 -16.12 30.45 3.38
C ALA B 285 -15.69 31.26 2.16
N GLY B 286 -16.29 30.99 1.01
CA GLY B 286 -16.05 31.73 -0.23
C GLY B 286 -15.91 30.93 -1.51
N ALA B 287 -15.95 29.60 -1.45
CA ALA B 287 -15.65 28.78 -2.62
C ALA B 287 -16.69 28.91 -3.74
N SER B 288 -16.19 29.05 -4.97
CA SER B 288 -17.02 29.00 -6.19
C SER B 288 -17.19 27.57 -6.70
N MET B 289 -16.09 26.81 -6.75
CA MET B 289 -16.12 25.37 -7.03
C MET B 289 -15.52 24.64 -5.84
N VAL B 290 -15.89 23.36 -5.71
CA VAL B 290 -15.49 22.52 -4.60
C VAL B 290 -14.93 21.22 -5.16
N GLN B 291 -13.67 20.93 -4.84
CA GLN B 291 -12.98 19.74 -5.36
C GLN B 291 -12.99 18.63 -4.32
N VAL B 292 -13.20 17.39 -4.79
CA VAL B 292 -13.33 16.22 -3.94
C VAL B 292 -12.19 15.26 -4.28
N GLY B 293 -11.45 14.82 -3.27
CA GLY B 293 -10.26 14.00 -3.46
C GLY B 293 -10.43 12.66 -2.79
N THR B 294 -9.97 12.56 -1.55
CA THR B 294 -9.97 11.29 -0.81
C THR B 294 -11.35 10.61 -0.76
N ALA B 295 -12.40 11.39 -0.52
CA ALA B 295 -13.76 10.82 -0.47
C ALA B 295 -14.17 10.22 -1.82
N LEU B 296 -13.70 10.82 -2.91
CA LEU B 296 -13.95 10.29 -4.26
C LEU B 296 -13.16 9.01 -4.49
N HIS B 297 -11.93 8.96 -4.04
CA HIS B 297 -11.13 7.73 -4.10
C HIS B 297 -11.84 6.59 -3.37
N ASP B 298 -12.38 6.89 -2.18
CA ASP B 298 -13.07 5.89 -1.35
C ASP B 298 -14.38 5.40 -1.95
N GLU B 299 -15.18 6.33 -2.44
CA GLU B 299 -16.58 6.06 -2.79
C GLU B 299 -16.83 5.84 -4.29
N GLY B 300 -15.95 6.36 -5.14
CA GLY B 300 -16.17 6.36 -6.57
C GLY B 300 -17.05 7.53 -6.99
N PRO B 301 -17.18 7.75 -8.30
CA PRO B 301 -17.87 8.93 -8.84
C PRO B 301 -19.36 9.06 -8.52
N ILE B 302 -20.00 7.98 -8.07
CA ILE B 302 -21.34 8.10 -7.49
C ILE B 302 -21.46 9.15 -6.37
N ILE B 303 -20.35 9.47 -5.70
CA ILE B 303 -20.34 10.50 -4.65
C ILE B 303 -20.93 11.84 -5.12
N PHE B 304 -20.74 12.18 -6.40
CA PHE B 304 -21.20 13.48 -6.91
C PHE B 304 -22.73 13.61 -6.88
N ALA B 305 -23.43 12.51 -7.16
CA ALA B 305 -24.90 12.49 -7.02
C ALA B 305 -25.31 12.72 -5.57
N ARG B 306 -24.64 12.05 -4.63
CA ARG B 306 -24.89 12.23 -3.21
C ARG B 306 -24.62 13.66 -2.75
N LEU B 307 -23.49 14.23 -3.17
CA LEU B 307 -23.13 15.60 -2.75
C LEU B 307 -24.13 16.64 -3.26
N ASN B 308 -24.58 16.49 -4.50
CA ASN B 308 -25.62 17.39 -5.04
C ASN B 308 -26.91 17.31 -4.19
N LYS B 309 -27.32 16.09 -3.85
CA LYS B 309 -28.53 15.89 -3.05
C LYS B 309 -28.39 16.49 -1.66
N GLU B 310 -27.27 16.21 -1.00
CA GLU B 310 -27.07 16.70 0.37
C GLU B 310 -26.97 18.23 0.43
N LEU B 311 -26.28 18.83 -0.55
CA LEU B 311 -26.19 20.29 -0.61
C LEU B 311 -27.56 20.92 -0.87
N GLN B 312 -28.32 20.36 -1.81
CA GLN B 312 -29.71 20.79 -2.07
C GLN B 312 -30.56 20.75 -0.80
N GLU B 313 -30.42 19.67 -0.03
CA GLU B 313 -31.18 19.50 1.22
C GLU B 313 -30.88 20.58 2.24
N ILE B 314 -29.60 20.90 2.40
CA ILE B 314 -29.18 21.94 3.31
C ILE B 314 -29.74 23.30 2.88
N MET B 315 -29.61 23.62 1.60
CA MET B 315 -30.13 24.89 1.07
C MET B 315 -31.63 25.00 1.27
N THR B 316 -32.35 23.90 1.01
CA THR B 316 -33.80 23.87 1.18
C THR B 316 -34.20 24.14 2.63
N ASN B 317 -33.52 23.50 3.58
CA ASN B 317 -33.78 23.72 5.01
C ASN B 317 -33.51 25.15 5.46
N LYS B 318 -32.50 25.79 4.86
CA LYS B 318 -32.12 27.15 5.21
C LYS B 318 -32.86 28.23 4.40
N GLY B 319 -33.57 27.82 3.36
CA GLY B 319 -34.29 28.76 2.50
C GLY B 319 -33.43 29.50 1.50
N TYR B 320 -32.28 28.95 1.14
CA TYR B 320 -31.42 29.52 0.12
C TYR B 320 -31.82 28.98 -1.24
N LYS B 321 -32.04 29.87 -2.21
CA LYS B 321 -32.43 29.48 -3.57
C LYS B 321 -31.25 29.27 -4.50
N THR B 322 -30.15 29.98 -4.25
CA THR B 322 -28.95 29.90 -5.08
C THR B 322 -27.73 29.99 -4.19
N LEU B 323 -26.59 29.54 -4.72
CA LEU B 323 -25.33 29.57 -3.96
C LEU B 323 -24.84 30.99 -3.69
N ASP B 324 -25.22 31.91 -4.58
CA ASP B 324 -24.84 33.31 -4.47
C ASP B 324 -25.44 34.00 -3.26
N GLU B 325 -26.54 33.46 -2.72
CA GLU B 325 -27.12 34.01 -1.51
C GLU B 325 -26.23 33.88 -0.29
N PHE B 326 -25.36 32.87 -0.25
CA PHE B 326 -24.52 32.63 0.93
C PHE B 326 -23.02 32.47 0.70
N ARG B 327 -22.58 32.47 -0.56
CA ARG B 327 -21.16 32.31 -0.83
C ARG B 327 -20.36 33.43 -0.17
N GLY B 328 -19.38 33.04 0.65
CA GLY B 328 -18.52 34.00 1.32
C GLY B 328 -19.17 34.75 2.47
N ARG B 329 -20.34 34.31 2.94
CA ARG B 329 -21.11 35.04 3.95
C ARG B 329 -21.02 34.40 5.33
N VAL B 330 -19.96 33.62 5.57
CA VAL B 330 -19.63 33.18 6.93
C VAL B 330 -19.67 34.36 7.89
N LYS B 331 -20.30 34.15 9.05
CA LYS B 331 -20.41 35.17 10.08
C LYS B 331 -19.27 35.04 11.09
N THR B 332 -18.73 36.18 11.50
CA THR B 332 -17.75 36.22 12.57
C THR B 332 -18.34 36.86 13.82
N MET B 333 -17.64 36.72 14.93
CA MET B 333 -18.08 37.29 16.21
C MET B 333 -17.38 38.61 16.55
N ASP B 334 -16.25 38.87 15.91
CA ASP B 334 -15.50 40.11 16.08
C ASP B 334 -15.80 41.06 14.91
N MET C 22 38.43 -18.92 -7.67
CA MET C 22 36.94 -18.98 -7.77
C MET C 22 36.38 -17.86 -8.64
N SER C 23 35.27 -18.16 -9.32
CA SER C 23 34.65 -17.24 -10.25
C SER C 23 33.13 -17.42 -10.30
N LEU C 24 32.41 -16.31 -10.23
CA LEU C 24 30.96 -16.30 -10.49
C LEU C 24 30.63 -15.93 -11.93
N LYS C 25 31.63 -15.87 -12.80
CA LYS C 25 31.42 -15.40 -14.16
C LYS C 25 30.52 -16.33 -14.98
N VAL C 26 29.76 -15.72 -15.87
CA VAL C 26 28.83 -16.44 -16.75
C VAL C 26 29.11 -15.94 -18.16
N ASN C 27 29.48 -16.86 -19.05
CA ASN C 27 29.81 -16.54 -20.44
C ASN C 27 28.71 -17.07 -21.34
N ILE C 28 27.78 -16.19 -21.66
CA ILE C 28 26.64 -16.53 -22.50
C ILE C 28 26.33 -15.38 -23.42
N LEU C 29 25.71 -15.71 -24.56
CA LEU C 29 25.13 -14.73 -25.48
C LEU C 29 26.14 -13.74 -26.08
N GLY C 30 27.41 -14.15 -26.11
CA GLY C 30 28.49 -13.28 -26.61
C GLY C 30 29.04 -12.27 -25.60
N HIS C 31 28.64 -12.39 -24.34
CA HIS C 31 29.10 -11.48 -23.28
C HIS C 31 29.69 -12.25 -22.10
N GLU C 32 30.58 -11.59 -21.36
CA GLU C 32 31.08 -12.11 -20.10
C GLU C 32 30.37 -11.34 -19.00
N PHE C 33 29.52 -12.02 -18.25
CA PHE C 33 28.85 -11.41 -17.11
C PHE C 33 29.69 -11.68 -15.87
N SER C 34 29.88 -10.65 -15.04
CA SER C 34 30.71 -10.76 -13.82
C SER C 34 30.17 -11.75 -12.82
N ASN C 35 28.84 -11.86 -12.78
CA ASN C 35 28.15 -12.78 -11.88
C ASN C 35 26.76 -13.04 -12.50
N PRO C 36 26.01 -14.02 -11.96
CA PRO C 36 24.74 -14.40 -12.60
C PRO C 36 23.53 -13.51 -12.27
N PHE C 37 23.70 -12.50 -11.42
CA PHE C 37 22.57 -11.76 -10.85
C PHE C 37 22.15 -10.54 -11.67
N MET C 38 20.84 -10.34 -11.72
CA MET C 38 20.24 -9.15 -12.32
C MET C 38 18.88 -8.93 -11.65
N ASN C 39 18.26 -7.80 -11.93
CA ASN C 39 16.88 -7.55 -11.48
C ASN C 39 15.89 -8.35 -12.33
N ALA C 40 14.71 -8.59 -11.76
CA ALA C 40 13.54 -8.99 -12.54
C ALA C 40 12.96 -7.74 -13.20
N ALA C 41 12.37 -7.90 -14.39
CA ALA C 41 11.91 -6.76 -15.20
C ALA C 41 10.72 -5.93 -14.69
N GLY C 42 10.27 -6.17 -13.45
CA GLY C 42 9.33 -5.25 -12.78
C GLY C 42 9.94 -4.36 -11.69
N VAL C 43 11.19 -4.61 -11.31
CA VAL C 43 11.78 -4.05 -10.09
C VAL C 43 13.02 -3.23 -10.42
N LEU C 44 13.05 -2.00 -9.88
CA LEU C 44 14.18 -1.07 -10.00
C LEU C 44 14.68 -0.90 -11.44
N CYS C 45 13.75 -0.65 -12.34
CA CYS C 45 14.13 -0.54 -13.75
C CYS C 45 13.18 0.26 -14.63
N THR C 46 12.33 1.09 -14.04
CA THR C 46 11.34 1.86 -14.80
C THR C 46 11.86 3.21 -15.27
N THR C 47 12.59 3.91 -14.41
CA THR C 47 13.08 5.26 -14.70
C THR C 47 14.59 5.28 -14.93
N GLU C 48 15.09 6.41 -15.42
CA GLU C 48 16.52 6.58 -15.64
C GLU C 48 17.29 6.43 -14.32
N GLU C 49 16.73 6.94 -13.24
CA GLU C 49 17.34 6.81 -11.91
C GLU C 49 17.41 5.36 -11.47
N ASP C 50 16.32 4.61 -11.64
CA ASP C 50 16.31 3.17 -11.33
C ASP C 50 17.46 2.46 -12.06
N LEU C 51 17.55 2.71 -13.36
CA LEU C 51 18.51 2.03 -14.21
C LEU C 51 19.95 2.42 -13.86
N ARG C 52 20.17 3.69 -13.49
CA ARG C 52 21.47 4.13 -12.97
C ARG C 52 21.87 3.34 -11.73
N ARG C 53 20.93 3.20 -10.79
CA ARG C 53 21.19 2.47 -9.55
C ARG C 53 21.50 0.99 -9.80
N MET C 54 20.77 0.37 -10.73
CA MET C 54 21.09 -1.00 -11.14
C MET C 54 22.47 -1.10 -11.79
N THR C 55 22.82 -0.12 -12.62
CA THR C 55 24.13 -0.12 -13.29
C THR C 55 25.26 0.06 -12.27
N GLU C 56 25.07 0.93 -11.29
CA GLU C 56 26.08 1.15 -10.25
C GLU C 56 26.20 0.02 -9.23
N SER C 57 25.18 -0.82 -9.13
CA SER C 57 25.19 -1.98 -8.24
C SER C 57 26.21 -3.04 -8.66
N GLU C 58 26.38 -4.04 -7.81
CA GLU C 58 27.24 -5.18 -8.09
C GLU C 58 26.59 -6.25 -8.98
N SER C 59 25.38 -6.01 -9.47
CA SER C 59 24.70 -7.01 -10.34
C SER C 59 25.53 -7.28 -11.58
N GLY C 60 25.46 -8.52 -12.05
CA GLY C 60 26.08 -8.89 -13.33
C GLY C 60 25.42 -8.30 -14.55
N SER C 61 24.11 -8.04 -14.46
CA SER C 61 23.39 -7.37 -15.53
C SER C 61 22.17 -6.63 -14.99
N LEU C 62 21.37 -6.10 -15.90
CA LEU C 62 20.11 -5.44 -15.57
C LEU C 62 19.18 -5.55 -16.76
N ILE C 63 17.88 -5.42 -16.50
CA ILE C 63 16.88 -5.44 -17.55
C ILE C 63 15.91 -4.28 -17.36
N GLY C 64 15.60 -3.59 -18.45
CA GLY C 64 14.60 -2.51 -18.43
C GLY C 64 13.20 -3.01 -18.15
N LYS C 65 12.38 -2.15 -17.55
CA LYS C 65 10.98 -2.46 -17.24
C LYS C 65 10.24 -2.96 -18.48
N SER C 66 9.44 -4.00 -18.29
CA SER C 66 8.56 -4.52 -19.32
C SER C 66 7.73 -3.38 -19.89
N CYS C 67 7.96 -3.09 -21.18
CA CYS C 67 7.45 -1.85 -21.75
C CYS C 67 6.45 -2.08 -22.87
N THR C 68 5.79 -0.98 -23.24
CA THR C 68 4.77 -0.97 -24.29
C THR C 68 5.12 0.14 -25.28
N LEU C 69 4.45 0.13 -26.42
CA LEU C 69 4.76 1.07 -27.50
C LEU C 69 4.55 2.50 -27.02
N ALA C 70 3.43 2.70 -26.34
CA ALA C 70 3.11 3.99 -25.72
C ALA C 70 3.28 3.90 -24.21
N PRO C 71 3.57 5.05 -23.56
CA PRO C 71 3.70 5.07 -22.10
C PRO C 71 2.42 4.64 -21.40
N ARG C 72 2.58 4.09 -20.21
CA ARG C 72 1.46 3.68 -19.36
C ARG C 72 1.72 4.13 -17.95
N THR C 73 0.68 4.61 -17.29
CA THR C 73 0.74 4.90 -15.85
C THR C 73 0.35 3.69 -15.00
N GLY C 74 -0.25 2.68 -15.62
CA GLY C 74 -0.62 1.45 -14.92
C GLY C 74 -1.95 1.49 -14.21
N ASN C 75 -2.17 0.53 -13.33
CA ASN C 75 -3.44 0.36 -12.67
C ASN C 75 -3.61 1.30 -11.47
N PRO C 76 -4.86 1.48 -11.00
CA PRO C 76 -5.09 2.40 -9.86
C PRO C 76 -4.57 1.87 -8.51
N GLU C 77 -4.30 2.80 -7.59
CA GLU C 77 -3.77 2.50 -6.26
C GLU C 77 -4.85 2.20 -5.25
N PRO C 78 -4.56 1.41 -4.21
CA PRO C 78 -3.27 0.74 -3.98
C PRO C 78 -3.11 -0.52 -4.83
N ARG C 79 -1.92 -0.74 -5.37
CA ARG C 79 -1.68 -1.84 -6.30
C ARG C 79 -0.46 -2.71 -5.98
N TYR C 80 0.15 -2.48 -4.82
CA TYR C 80 1.28 -3.28 -4.35
C TYR C 80 1.11 -3.50 -2.86
N PHE C 81 1.30 -4.72 -2.39
CA PHE C 81 1.23 -4.99 -0.95
C PHE C 81 2.29 -6.01 -0.58
N GLY C 82 3.20 -5.60 0.31
CA GLY C 82 4.24 -6.49 0.82
C GLY C 82 3.67 -7.44 1.84
N LEU C 83 4.14 -8.68 1.81
CA LEU C 83 3.63 -9.75 2.66
C LEU C 83 4.79 -10.41 3.43
N PRO C 84 4.49 -11.09 4.54
CA PRO C 84 5.52 -11.89 5.23
C PRO C 84 6.26 -12.84 4.31
N LEU C 85 5.54 -13.50 3.40
CA LEU C 85 6.12 -14.48 2.48
C LEU C 85 6.40 -13.96 1.06
N GLY C 86 6.23 -12.66 0.83
CA GLY C 86 6.62 -12.06 -0.45
C GLY C 86 5.82 -10.81 -0.77
N SER C 87 5.08 -10.84 -1.87
CA SER C 87 4.31 -9.67 -2.28
C SER C 87 3.15 -10.07 -3.17
N ILE C 88 2.17 -9.17 -3.26
CA ILE C 88 1.11 -9.27 -4.26
C ILE C 88 1.07 -7.91 -4.96
N ASN C 89 0.89 -7.92 -6.28
CA ASN C 89 0.80 -6.67 -7.02
C ASN C 89 -0.13 -6.77 -8.22
N SER C 90 -0.67 -5.63 -8.63
CA SER C 90 -1.30 -5.49 -9.93
C SER C 90 -0.86 -4.15 -10.53
N MET C 91 0.41 -4.07 -10.92
CA MET C 91 1.01 -2.81 -11.32
C MET C 91 0.38 -2.38 -12.65
N GLY C 92 0.23 -3.33 -13.58
CA GLY C 92 -0.39 -3.06 -14.88
C GLY C 92 0.53 -2.42 -15.91
N LEU C 93 1.79 -2.87 -15.91
CA LEU C 93 2.82 -2.42 -16.85
C LEU C 93 3.00 -0.90 -16.91
N PRO C 94 3.15 -0.24 -15.75
CA PRO C 94 3.52 1.17 -15.81
C PRO C 94 4.92 1.29 -16.42
N ASN C 95 5.05 2.09 -17.47
CA ASN C 95 6.34 2.24 -18.13
C ASN C 95 6.37 3.51 -18.95
N LEU C 96 7.58 3.98 -19.24
CA LEU C 96 7.76 5.24 -19.95
C LEU C 96 7.66 5.14 -21.48
N GLY C 97 7.32 3.96 -21.99
CA GLY C 97 7.16 3.73 -23.44
C GLY C 97 8.46 3.25 -24.06
N VAL C 98 8.34 2.53 -25.17
CA VAL C 98 9.50 1.86 -25.75
C VAL C 98 10.62 2.84 -26.15
N ASP C 99 10.26 4.02 -26.66
CA ASP C 99 11.26 4.99 -27.09
C ASP C 99 12.18 5.42 -25.95
N PHE C 100 11.65 5.53 -24.74
CA PHE C 100 12.48 5.83 -23.57
C PHE C 100 13.56 4.78 -23.34
N TYR C 101 13.16 3.51 -23.32
CA TYR C 101 14.08 2.40 -23.01
C TYR C 101 15.09 2.20 -24.14
N LEU C 102 14.65 2.42 -25.38
CA LEU C 102 15.55 2.38 -26.54
C LEU C 102 16.57 3.52 -26.50
N SER C 103 16.12 4.72 -26.12
CA SER C 103 17.03 5.86 -25.94
C SER C 103 18.05 5.58 -24.83
N TYR C 104 17.60 4.98 -23.72
CA TYR C 104 18.50 4.57 -22.64
C TYR C 104 19.56 3.60 -23.17
N ALA C 105 19.11 2.59 -23.89
CA ALA C 105 20.00 1.56 -24.44
C ALA C 105 20.99 2.12 -25.46
N ALA C 106 20.54 3.09 -26.25
CA ALA C 106 21.33 3.66 -27.34
C ALA C 106 22.32 4.71 -26.87
N GLN C 107 21.90 5.53 -25.91
CA GLN C 107 22.63 6.75 -25.53
C GLN C 107 23.19 6.81 -24.11
N THR C 108 22.48 6.21 -23.15
CA THR C 108 22.75 6.44 -21.73
C THR C 108 23.52 5.31 -21.06
N HIS C 109 23.14 4.05 -21.32
CA HIS C 109 23.69 2.93 -20.58
C HIS C 109 25.20 2.78 -20.76
N ASP C 110 25.90 2.51 -19.66
CA ASP C 110 27.33 2.24 -19.67
C ASP C 110 27.58 0.74 -19.86
N TYR C 111 27.81 0.32 -21.11
CA TYR C 111 28.07 -1.09 -21.43
C TYR C 111 29.42 -1.59 -20.92
N SER C 112 30.34 -0.67 -20.60
CA SER C 112 31.59 -1.05 -19.93
C SER C 112 31.37 -1.61 -18.52
N ARG C 113 30.27 -1.22 -17.87
CA ARG C 113 29.93 -1.75 -16.54
C ARG C 113 29.33 -3.15 -16.67
N LYS C 114 28.30 -3.27 -17.49
CA LYS C 114 27.59 -4.54 -17.64
C LYS C 114 26.68 -4.54 -18.87
N PRO C 115 26.35 -5.73 -19.41
CA PRO C 115 25.39 -5.79 -20.52
C PRO C 115 23.98 -5.39 -20.09
N LEU C 116 23.15 -5.00 -21.06
CA LEU C 116 21.78 -4.55 -20.84
C LEU C 116 20.78 -5.43 -21.59
N PHE C 117 19.74 -5.85 -20.89
CA PHE C 117 18.55 -6.45 -21.49
C PHE C 117 17.42 -5.43 -21.51
N LEU C 118 16.53 -5.54 -22.49
CA LEU C 118 15.24 -4.82 -22.44
C LEU C 118 14.10 -5.82 -22.50
N SER C 119 13.10 -5.62 -21.63
CA SER C 119 11.90 -6.42 -21.62
C SER C 119 10.84 -5.74 -22.47
N MET C 120 10.38 -6.41 -23.52
CA MET C 120 9.34 -5.86 -24.38
C MET C 120 8.05 -6.64 -24.22
N SER C 121 7.00 -5.90 -23.88
CA SER C 121 5.74 -6.46 -23.43
C SER C 121 4.57 -5.79 -24.12
N GLY C 122 4.61 -5.72 -25.44
CA GLY C 122 3.47 -5.26 -26.24
C GLY C 122 2.23 -6.09 -25.93
N LEU C 123 1.06 -5.47 -26.02
CA LEU C 123 -0.21 -6.10 -25.66
C LEU C 123 -0.91 -6.82 -26.84
N SER C 124 -0.26 -6.79 -28.00
CA SER C 124 -0.66 -7.58 -29.16
C SER C 124 0.59 -7.93 -29.95
N VAL C 125 0.47 -8.92 -30.85
CA VAL C 125 1.61 -9.31 -31.68
C VAL C 125 2.07 -8.14 -32.57
N GLU C 126 1.11 -7.38 -33.09
CA GLU C 126 1.41 -6.21 -33.93
C GLU C 126 2.24 -5.17 -33.16
N GLU C 127 1.85 -4.89 -31.91
CA GLU C 127 2.60 -3.97 -31.07
C GLU C 127 4.02 -4.47 -30.79
N SER C 128 4.15 -5.74 -30.41
CA SER C 128 5.47 -6.31 -30.16
C SER C 128 6.37 -6.30 -31.40
N VAL C 129 5.82 -6.60 -32.57
CA VAL C 129 6.58 -6.56 -33.82
C VAL C 129 7.12 -5.15 -34.09
N GLU C 130 6.28 -4.13 -33.92
CA GLU C 130 6.72 -2.75 -34.11
C GLU C 130 7.87 -2.40 -33.16
N MET C 131 7.75 -2.82 -31.90
CA MET C 131 8.74 -2.55 -30.89
C MET C 131 10.10 -3.22 -31.19
N VAL C 132 10.08 -4.52 -31.54
CA VAL C 132 11.34 -5.24 -31.78
C VAL C 132 12.07 -4.74 -33.05
N LYS C 133 11.31 -4.30 -34.05
CA LYS C 133 11.92 -3.69 -35.24
C LYS C 133 12.76 -2.47 -34.88
N LYS C 134 12.26 -1.64 -33.96
CA LYS C 134 13.01 -0.48 -33.47
C LYS C 134 14.31 -0.86 -32.75
N LEU C 135 14.30 -2.02 -32.08
CA LEU C 135 15.47 -2.48 -31.34
C LEU C 135 16.62 -2.98 -32.22
N VAL C 136 16.31 -3.53 -33.38
CA VAL C 136 17.31 -4.18 -34.26
C VAL C 136 18.61 -3.36 -34.39
N PRO C 137 18.53 -2.10 -34.85
CA PRO C 137 19.78 -1.33 -35.03
C PRO C 137 20.55 -1.10 -33.73
N ILE C 138 19.84 -1.01 -32.61
CA ILE C 138 20.47 -0.78 -31.32
C ILE C 138 21.18 -2.04 -30.81
N THR C 139 20.54 -3.19 -30.94
CA THR C 139 21.21 -4.46 -30.68
C THR C 139 22.49 -4.59 -31.52
N LYS C 140 22.38 -4.29 -32.80
CA LYS C 140 23.54 -4.40 -33.71
C LYS C 140 24.68 -3.49 -33.31
N GLU C 141 24.38 -2.25 -32.93
CA GLU C 141 25.40 -1.28 -32.54
C GLU C 141 25.92 -1.48 -31.12
N LYS C 142 25.00 -1.66 -30.17
CA LYS C 142 25.33 -1.67 -28.74
C LYS C 142 25.34 -3.05 -28.05
N GLY C 143 24.67 -4.03 -28.64
CA GLY C 143 24.59 -5.38 -28.05
C GLY C 143 23.44 -5.60 -27.09
N THR C 144 22.51 -4.66 -27.06
CA THR C 144 21.33 -4.72 -26.20
C THR C 144 20.55 -6.00 -26.46
N ILE C 145 20.18 -6.71 -25.41
CA ILE C 145 19.56 -8.04 -25.52
C ILE C 145 18.03 -7.96 -25.31
N LEU C 146 17.27 -8.62 -26.18
CA LEU C 146 15.80 -8.67 -26.06
C LEU C 146 15.29 -9.82 -25.20
N GLU C 147 14.42 -9.50 -24.24
CA GLU C 147 13.60 -10.50 -23.52
C GLU C 147 12.14 -10.18 -23.85
N LEU C 148 11.53 -11.00 -24.69
CA LEU C 148 10.13 -10.86 -25.07
C LEU C 148 9.22 -11.36 -23.95
N ASN C 149 8.36 -10.50 -23.44
CA ASN C 149 7.49 -10.88 -22.32
C ASN C 149 6.18 -11.51 -22.79
N LEU C 150 5.97 -12.77 -22.42
CA LEU C 150 4.73 -13.47 -22.71
C LEU C 150 3.96 -13.84 -21.43
N SER C 151 4.14 -13.04 -20.38
CA SER C 151 3.78 -13.46 -19.03
C SER C 151 2.95 -12.53 -18.15
N CYS C 152 2.71 -11.28 -18.56
CA CYS C 152 2.08 -10.31 -17.64
C CYS C 152 0.65 -10.71 -17.25
N PRO C 153 0.40 -10.90 -15.93
CA PRO C 153 -0.91 -11.32 -15.46
C PRO C 153 -1.78 -10.19 -14.92
N ASN C 154 -1.39 -8.94 -15.12
CA ASN C 154 -2.04 -7.81 -14.45
C ASN C 154 -2.69 -6.76 -15.34
N VAL C 155 -2.81 -7.03 -16.64
CA VAL C 155 -3.45 -6.08 -17.54
C VAL C 155 -4.89 -6.57 -17.75
N PRO C 156 -5.90 -5.81 -17.26
CA PRO C 156 -7.28 -6.25 -17.41
C PRO C 156 -7.67 -6.52 -18.86
N GLY C 157 -8.29 -7.69 -19.07
CA GLY C 157 -8.71 -8.11 -20.40
C GLY C 157 -7.64 -8.70 -21.28
N LYS C 158 -6.42 -8.85 -20.76
CA LYS C 158 -5.29 -9.38 -21.54
C LYS C 158 -4.73 -10.65 -20.89
N PRO C 159 -5.15 -11.84 -21.36
CA PRO C 159 -4.63 -13.07 -20.76
C PRO C 159 -3.14 -13.25 -20.98
N GLN C 160 -2.50 -14.03 -20.12
CA GLN C 160 -1.09 -14.35 -20.25
C GLN C 160 -0.86 -15.13 -21.54
N VAL C 161 -0.07 -14.57 -22.46
CA VAL C 161 0.12 -15.17 -23.79
C VAL C 161 0.68 -16.59 -23.70
N GLY C 162 1.60 -16.81 -22.76
CA GLY C 162 2.22 -18.12 -22.57
C GLY C 162 1.28 -19.26 -22.19
N TYR C 163 0.06 -18.95 -21.80
CA TYR C 163 -0.96 -19.98 -21.56
C TYR C 163 -1.80 -20.34 -22.79
N ASP C 164 -1.52 -19.70 -23.93
CA ASP C 164 -2.13 -20.08 -25.20
C ASP C 164 -0.99 -20.38 -26.16
N PHE C 165 -0.79 -21.66 -26.44
CA PHE C 165 0.37 -22.11 -27.22
C PHE C 165 0.28 -21.73 -28.69
N ASP C 166 -0.93 -21.59 -29.22
CA ASP C 166 -1.12 -21.09 -30.57
C ASP C 166 -0.71 -19.63 -30.70
N THR C 167 -1.16 -18.80 -29.76
CA THR C 167 -0.79 -17.38 -29.72
C THR C 167 0.70 -17.22 -29.48
N THR C 168 1.26 -18.01 -28.57
CA THR C 168 2.68 -18.01 -28.30
C THR C 168 3.46 -18.30 -29.59
N ARG C 169 3.07 -19.33 -30.33
CA ARG C 169 3.71 -19.66 -31.60
C ARG C 169 3.70 -18.47 -32.56
N THR C 170 2.56 -17.79 -32.64
CA THR C 170 2.42 -16.61 -33.50
C THR C 170 3.37 -15.47 -33.11
N TYR C 171 3.44 -15.15 -31.82
CA TYR C 171 4.41 -14.16 -31.34
C TYR C 171 5.85 -14.54 -31.70
N LEU C 172 6.22 -15.81 -31.50
CA LEU C 172 7.58 -16.25 -31.75
C LEU C 172 7.92 -16.20 -33.24
N GLN C 173 6.98 -16.59 -34.08
CA GLN C 173 7.17 -16.54 -35.52
C GLN C 173 7.37 -15.10 -35.98
N LYS C 174 6.45 -14.23 -35.59
CA LYS C 174 6.49 -12.83 -36.03
C LYS C 174 7.69 -12.06 -35.51
N VAL C 175 8.04 -12.26 -34.24
CA VAL C 175 9.23 -11.62 -33.67
C VAL C 175 10.50 -12.20 -34.29
N SER C 176 10.55 -13.52 -34.50
CA SER C 176 11.71 -14.13 -35.16
C SER C 176 11.96 -13.50 -36.53
N GLU C 177 10.90 -13.32 -37.29
CA GLU C 177 10.97 -12.70 -38.62
C GLU C 177 11.38 -11.24 -38.55
N ALA C 178 10.75 -10.48 -37.65
CA ALA C 178 10.97 -9.03 -37.57
C ALA C 178 12.31 -8.65 -36.95
N TYR C 179 12.74 -9.40 -35.94
CA TYR C 179 13.94 -9.09 -35.18
C TYR C 179 15.17 -9.77 -35.79
N GLY C 180 15.07 -11.07 -36.02
CA GLY C 180 16.06 -11.81 -36.82
C GLY C 180 17.40 -12.08 -36.15
N LEU C 181 17.47 -11.83 -34.84
CA LEU C 181 18.68 -12.04 -34.05
C LEU C 181 18.31 -12.88 -32.83
N PRO C 182 19.30 -13.50 -32.18
CA PRO C 182 18.98 -14.26 -30.97
C PRO C 182 18.28 -13.41 -29.91
N PHE C 183 17.25 -13.96 -29.27
CA PHE C 183 16.50 -13.27 -28.22
C PHE C 183 16.01 -14.27 -27.19
N GLY C 184 15.41 -13.76 -26.12
CA GLY C 184 14.82 -14.62 -25.10
C GLY C 184 13.37 -14.31 -24.85
N VAL C 185 12.75 -15.17 -24.05
CA VAL C 185 11.34 -15.04 -23.70
C VAL C 185 11.15 -15.18 -22.19
N LYS C 186 10.22 -14.42 -21.63
CA LYS C 186 9.83 -14.60 -20.23
C LYS C 186 8.48 -15.26 -20.18
N MET C 187 8.40 -16.35 -19.42
CA MET C 187 7.23 -17.23 -19.45
C MET C 187 6.46 -17.15 -18.14
N PRO C 188 5.14 -17.38 -18.20
CA PRO C 188 4.40 -17.59 -16.98
C PRO C 188 4.70 -19.00 -16.45
N PRO C 189 4.42 -19.25 -15.17
CA PRO C 189 4.66 -20.58 -14.62
C PRO C 189 3.68 -21.62 -15.12
N TYR C 190 4.18 -22.81 -15.41
CA TYR C 190 3.34 -23.97 -15.73
C TYR C 190 3.30 -24.93 -14.55
N PHE C 191 2.21 -25.67 -14.46
CA PHE C 191 1.88 -26.51 -13.30
C PHE C 191 1.49 -27.94 -13.67
N ASP C 192 1.72 -28.32 -14.93
CA ASP C 192 1.43 -29.66 -15.39
C ASP C 192 2.53 -30.12 -16.32
N ILE C 193 2.89 -31.39 -16.23
CA ILE C 193 3.96 -31.95 -17.05
C ILE C 193 3.62 -31.84 -18.54
N ALA C 194 2.35 -32.04 -18.90
CA ALA C 194 1.92 -31.87 -20.30
C ALA C 194 2.16 -30.45 -20.81
N HIS C 195 2.01 -29.45 -19.94
CA HIS C 195 2.29 -28.06 -20.32
C HIS C 195 3.77 -27.75 -20.48
N PHE C 196 4.63 -28.34 -19.64
CA PHE C 196 6.08 -28.26 -19.85
C PHE C 196 6.44 -28.84 -21.22
N ASP C 197 5.88 -30.00 -21.54
CA ASP C 197 6.13 -30.66 -22.83
C ASP C 197 5.65 -29.81 -24.02
N MET C 198 4.43 -29.29 -23.92
CA MET C 198 3.84 -28.48 -25.01
C MET C 198 4.59 -27.16 -25.20
N ALA C 199 4.90 -26.50 -24.09
CA ALA C 199 5.64 -25.22 -24.13
C ALA C 199 7.03 -25.42 -24.75
N ALA C 200 7.75 -26.43 -24.29
CA ALA C 200 9.09 -26.72 -24.80
C ALA C 200 9.07 -27.05 -26.29
N ALA C 201 8.07 -27.81 -26.73
CA ALA C 201 7.90 -28.14 -28.15
C ALA C 201 7.72 -26.87 -29.01
N VAL C 202 6.92 -25.92 -28.53
CA VAL C 202 6.75 -24.65 -29.24
C VAL C 202 8.09 -23.93 -29.26
N LEU C 203 8.72 -23.77 -28.10
CA LEU C 203 9.97 -23.01 -28.03
C LEU C 203 11.08 -23.60 -28.89
N ASN C 204 11.16 -24.92 -28.94
CA ASN C 204 12.19 -25.63 -29.71
C ASN C 204 12.04 -25.51 -31.22
N ASP C 205 10.87 -25.06 -31.68
CA ASP C 205 10.66 -24.73 -33.11
C ASP C 205 11.27 -23.40 -33.55
N PHE C 206 11.84 -22.64 -32.61
CA PHE C 206 12.38 -21.30 -32.89
C PHE C 206 13.84 -21.21 -32.45
N PRO C 207 14.77 -21.46 -33.40
CA PRO C 207 16.19 -21.48 -33.05
C PRO C 207 16.77 -20.16 -32.54
N LEU C 208 16.14 -19.04 -32.89
CA LEU C 208 16.58 -17.74 -32.38
C LEU C 208 16.23 -17.49 -30.90
N VAL C 209 15.28 -18.25 -30.35
CA VAL C 209 14.99 -18.15 -28.92
C VAL C 209 16.11 -18.87 -28.19
N LYS C 210 17.06 -18.11 -27.65
CA LYS C 210 18.24 -18.67 -27.00
C LYS C 210 18.18 -18.72 -25.48
N PHE C 211 17.22 -18.03 -24.88
CA PHE C 211 17.00 -18.16 -23.46
C PHE C 211 15.54 -18.04 -23.08
N ILE C 212 15.22 -18.68 -21.96
CA ILE C 212 13.88 -18.74 -21.41
C ILE C 212 13.96 -18.31 -19.95
N THR C 213 13.20 -17.29 -19.57
CA THR C 213 13.14 -16.83 -18.18
C THR C 213 11.91 -17.42 -17.47
N CYS C 214 12.19 -18.17 -16.41
CA CYS C 214 11.20 -18.91 -15.63
C CYS C 214 11.32 -18.44 -14.18
N VAL C 215 10.34 -17.76 -13.59
CA VAL C 215 9.01 -17.51 -14.11
C VAL C 215 8.66 -16.09 -13.75
N ASN C 216 7.65 -15.56 -14.42
CA ASN C 216 7.04 -14.37 -13.91
C ASN C 216 6.21 -14.87 -12.72
N SER C 217 5.60 -13.94 -12.03
CA SER C 217 4.85 -14.22 -10.83
C SER C 217 3.76 -15.28 -10.99
N ILE C 218 3.34 -15.83 -9.87
CA ILE C 218 2.19 -16.72 -9.89
C ILE C 218 0.95 -15.82 -10.02
N GLY C 219 0.24 -15.96 -11.12
CA GLY C 219 -0.81 -15.01 -11.48
C GLY C 219 -2.07 -15.13 -10.63
N ASN C 220 -2.70 -13.96 -10.43
CA ASN C 220 -4.10 -13.89 -9.97
C ASN C 220 -4.39 -14.59 -8.65
N GLY C 221 -3.50 -14.36 -7.68
CA GLY C 221 -3.76 -14.69 -6.28
C GLY C 221 -4.60 -13.60 -5.64
N LEU C 222 -5.10 -13.88 -4.44
CA LEU C 222 -5.97 -12.96 -3.72
C LEU C 222 -5.53 -12.92 -2.26
N VAL C 223 -5.26 -11.72 -1.76
CA VAL C 223 -4.90 -11.50 -0.37
C VAL C 223 -5.96 -10.61 0.27
N ILE C 224 -6.42 -11.03 1.44
CA ILE C 224 -7.46 -10.35 2.19
C ILE C 224 -6.91 -10.06 3.58
N ASP C 225 -7.15 -8.85 4.07
CA ASP C 225 -6.78 -8.42 5.42
C ASP C 225 -7.91 -8.83 6.36
N PRO C 226 -7.65 -9.75 7.31
CA PRO C 226 -8.75 -10.19 8.18
C PRO C 226 -9.27 -9.10 9.14
N ALA C 227 -8.42 -8.11 9.46
CA ALA C 227 -8.82 -7.03 10.37
C ALA C 227 -10.00 -6.20 9.81
N ASN C 228 -9.86 -5.72 8.58
CA ASN C 228 -10.90 -4.91 7.93
C ASN C 228 -11.72 -5.66 6.87
N GLU C 229 -11.47 -6.97 6.73
CA GLU C 229 -12.21 -7.83 5.81
C GLU C 229 -12.14 -7.37 4.35
N THR C 230 -11.05 -6.70 3.99
CA THR C 230 -10.91 -6.03 2.70
C THR C 230 -9.68 -6.58 1.97
N VAL C 231 -9.81 -6.70 0.66
CA VAL C 231 -8.67 -7.05 -0.19
C VAL C 231 -7.62 -5.96 -0.06
N VAL C 232 -6.35 -6.30 -0.28
CA VAL C 232 -5.25 -5.37 -0.06
C VAL C 232 -4.87 -4.55 -1.29
N ILE C 233 -5.30 -4.96 -2.48
CA ILE C 233 -5.09 -4.14 -3.69
C ILE C 233 -6.40 -3.83 -4.41
N LYS C 234 -6.42 -2.70 -5.09
CA LYS C 234 -7.62 -2.19 -5.76
C LYS C 234 -7.98 -2.85 -7.10
N PRO C 235 -7.00 -2.99 -8.01
CA PRO C 235 -7.37 -3.51 -9.31
C PRO C 235 -7.95 -4.92 -9.28
N LYS C 236 -8.85 -5.22 -10.21
CA LYS C 236 -9.33 -6.57 -10.46
C LYS C 236 -9.88 -7.28 -9.22
N GLN C 237 -10.62 -6.54 -8.41
CA GLN C 237 -11.22 -7.06 -7.18
C GLN C 237 -10.22 -7.71 -6.22
N GLY C 238 -8.98 -7.22 -6.23
CA GLY C 238 -7.91 -7.73 -5.37
C GLY C 238 -7.01 -8.79 -5.95
N PHE C 239 -7.21 -9.16 -7.22
CA PHE C 239 -6.48 -10.26 -7.83
C PHE C 239 -5.18 -9.74 -8.41
N GLY C 240 -4.05 -10.34 -7.98
CA GLY C 240 -2.74 -9.87 -8.38
C GLY C 240 -1.68 -10.95 -8.41
N GLY C 241 -0.54 -10.61 -9.01
CA GLY C 241 0.57 -11.54 -9.15
C GLY C 241 1.31 -11.72 -7.83
N LEU C 242 1.65 -12.97 -7.51
CA LEU C 242 2.39 -13.30 -6.28
C LEU C 242 3.88 -13.41 -6.57
N GLY C 243 4.68 -12.81 -5.70
CA GLY C 243 6.14 -12.88 -5.80
C GLY C 243 6.72 -13.28 -4.47
N GLY C 244 8.02 -13.57 -4.48
CA GLY C 244 8.78 -13.84 -3.24
C GLY C 244 8.84 -15.29 -2.85
N LYS C 245 8.79 -15.58 -1.55
CA LYS C 245 8.93 -16.96 -1.04
C LYS C 245 7.84 -17.91 -1.55
N TYR C 246 6.66 -17.35 -1.86
CA TYR C 246 5.57 -18.11 -2.48
C TYR C 246 5.97 -18.88 -3.72
N VAL C 247 6.90 -18.33 -4.50
CA VAL C 247 7.14 -18.79 -5.88
C VAL C 247 8.36 -19.70 -6.02
N LEU C 248 9.16 -19.88 -4.97
CA LEU C 248 10.44 -20.60 -5.16
C LEU C 248 10.30 -22.02 -5.74
N PRO C 249 9.46 -22.89 -5.14
CA PRO C 249 9.39 -24.24 -5.72
C PRO C 249 8.81 -24.30 -7.15
N THR C 250 7.86 -23.43 -7.44
CA THR C 250 7.33 -23.30 -8.79
C THR C 250 8.43 -22.85 -9.78
N ALA C 251 9.21 -21.85 -9.37
CA ALA C 251 10.29 -21.33 -10.20
C ALA C 251 11.35 -22.40 -10.47
N LEU C 252 11.78 -23.11 -9.43
CA LEU C 252 12.77 -24.19 -9.59
C LEU C 252 12.27 -25.28 -10.53
N ALA C 253 11.00 -25.65 -10.39
CA ALA C 253 10.39 -26.66 -11.24
C ALA C 253 10.40 -26.25 -12.71
N ASN C 254 9.99 -25.01 -12.96
CA ASN C 254 9.96 -24.49 -14.32
C ASN C 254 11.37 -24.38 -14.90
N VAL C 255 12.31 -23.86 -14.11
CA VAL C 255 13.71 -23.79 -14.55
C VAL C 255 14.21 -25.18 -14.95
N ASN C 256 13.99 -26.15 -14.08
CA ASN C 256 14.53 -27.49 -14.34
C ASN C 256 13.82 -28.20 -15.48
N ALA C 257 12.50 -28.01 -15.59
CA ALA C 257 11.72 -28.63 -16.66
C ALA C 257 12.19 -28.15 -18.03
N PHE C 258 12.40 -26.85 -18.19
CA PHE C 258 12.91 -26.33 -19.47
C PHE C 258 14.39 -26.64 -19.70
N PHE C 259 15.18 -26.65 -18.63
CA PHE C 259 16.58 -27.09 -18.73
C PHE C 259 16.68 -28.50 -19.32
N ARG C 260 15.83 -29.40 -18.83
CA ARG C 260 15.81 -30.80 -19.30
C ARG C 260 15.27 -30.97 -20.72
N ARG C 261 14.41 -30.06 -21.17
CA ARG C 261 13.71 -30.17 -22.46
C ARG C 261 14.29 -29.36 -23.62
N CYS C 262 15.16 -28.40 -23.30
CA CYS C 262 15.70 -27.45 -24.30
C CYS C 262 17.23 -27.47 -24.25
N PRO C 263 17.85 -28.47 -24.90
CA PRO C 263 19.29 -28.71 -24.74
C PRO C 263 20.25 -27.65 -25.31
N ASP C 264 19.75 -26.73 -26.14
CA ASP C 264 20.60 -25.59 -26.57
C ASP C 264 20.03 -24.21 -26.28
N LYS C 265 19.08 -24.15 -25.35
CA LYS C 265 18.63 -22.86 -24.83
C LYS C 265 19.12 -22.72 -23.41
N LEU C 266 19.41 -21.49 -23.03
CA LEU C 266 19.75 -21.14 -21.66
C LEU C 266 18.45 -20.93 -20.90
N VAL C 267 18.47 -21.19 -19.60
CA VAL C 267 17.32 -20.89 -18.75
C VAL C 267 17.77 -19.86 -17.71
N PHE C 268 16.95 -18.83 -17.51
CA PHE C 268 17.17 -17.83 -16.47
C PHE C 268 16.14 -18.08 -15.38
N GLY C 269 16.58 -18.06 -14.14
CA GLY C 269 15.69 -18.26 -13.01
C GLY C 269 15.15 -16.94 -12.50
N CYS C 270 13.89 -16.93 -12.11
CA CYS C 270 13.27 -15.76 -11.51
C CYS C 270 12.20 -16.24 -10.54
N GLY C 271 12.33 -15.88 -9.27
CA GLY C 271 11.34 -16.28 -8.27
C GLY C 271 11.94 -16.79 -6.98
N GLY C 272 11.71 -16.07 -5.89
CA GLY C 272 12.04 -16.53 -4.54
C GLY C 272 13.46 -16.37 -4.08
N VAL C 273 14.28 -15.61 -4.79
CA VAL C 273 15.69 -15.44 -4.42
C VAL C 273 15.82 -14.34 -3.37
N TYR C 274 16.16 -14.74 -2.14
CA TYR C 274 16.47 -13.80 -1.06
C TYR C 274 17.91 -13.91 -0.57
N SER C 275 18.64 -14.92 -1.03
CA SER C 275 19.96 -15.23 -0.51
C SER C 275 20.75 -16.07 -1.49
N GLY C 276 22.04 -16.20 -1.21
CA GLY C 276 22.92 -17.08 -1.97
C GLY C 276 22.43 -18.50 -2.06
N GLU C 277 21.80 -18.98 -0.99
CA GLU C 277 21.23 -20.33 -0.93
C GLU C 277 20.18 -20.57 -2.03
N GLU C 278 19.24 -19.64 -2.17
CA GLU C 278 18.22 -19.77 -3.21
C GLU C 278 18.81 -19.62 -4.60
N ALA C 279 19.79 -18.73 -4.75
CA ALA C 279 20.51 -18.58 -6.02
C ALA C 279 21.22 -19.87 -6.41
N PHE C 280 21.88 -20.48 -5.43
CA PHE C 280 22.54 -21.77 -5.61
C PHE C 280 21.54 -22.83 -6.10
N LEU C 281 20.36 -22.89 -5.49
CA LEU C 281 19.32 -23.84 -5.92
C LEU C 281 18.84 -23.58 -7.36
N HIS C 282 18.63 -22.32 -7.72
CA HIS C 282 18.29 -21.99 -9.10
C HIS C 282 19.32 -22.49 -10.11
N ILE C 283 20.58 -22.27 -9.80
CA ILE C 283 21.67 -22.69 -10.68
C ILE C 283 21.75 -24.22 -10.73
N LEU C 284 21.66 -24.87 -9.57
CA LEU C 284 21.58 -26.33 -9.50
C LEU C 284 20.43 -26.90 -10.36
N ALA C 285 19.31 -26.20 -10.37
CA ALA C 285 18.14 -26.57 -11.21
C ALA C 285 18.39 -26.36 -12.71
N GLY C 286 19.35 -25.52 -13.06
CA GLY C 286 19.71 -25.28 -14.45
C GLY C 286 19.91 -23.83 -14.86
N ALA C 287 19.75 -22.88 -13.95
CA ALA C 287 19.80 -21.46 -14.30
C ALA C 287 21.20 -20.95 -14.71
N SER C 288 21.24 -20.17 -15.78
CA SER C 288 22.45 -19.45 -16.20
C SER C 288 22.55 -18.07 -15.56
N MET C 289 21.44 -17.31 -15.60
CA MET C 289 21.32 -16.04 -14.87
C MET C 289 20.21 -16.20 -13.84
N VAL C 290 20.26 -15.37 -12.80
CA VAL C 290 19.30 -15.40 -11.70
C VAL C 290 18.75 -13.99 -11.48
N GLN C 291 17.43 -13.84 -11.62
CA GLN C 291 16.77 -12.55 -11.48
C GLN C 291 16.17 -12.40 -10.08
N VAL C 292 16.31 -11.22 -9.52
CA VAL C 292 15.90 -10.91 -8.14
C VAL C 292 14.79 -9.86 -8.22
N GLY C 293 13.65 -10.17 -7.59
CA GLY C 293 12.45 -9.33 -7.66
C GLY C 293 12.08 -8.74 -6.32
N THR C 294 11.17 -9.42 -5.61
CA THR C 294 10.66 -8.94 -4.33
C THR C 294 11.76 -8.61 -3.33
N ALA C 295 12.78 -9.46 -3.24
CA ALA C 295 13.90 -9.19 -2.31
C ALA C 295 14.65 -7.89 -2.62
N LEU C 296 14.80 -7.58 -3.91
CA LEU C 296 15.43 -6.35 -4.37
C LEU C 296 14.55 -5.16 -4.07
N HIS C 297 13.24 -5.31 -4.25
CA HIS C 297 12.29 -4.24 -3.89
C HIS C 297 12.43 -3.88 -2.41
N ASP C 298 12.56 -4.89 -1.56
CA ASP C 298 12.67 -4.71 -0.11
C ASP C 298 13.99 -4.11 0.32
N GLU C 299 15.08 -4.68 -0.19
CA GLU C 299 16.44 -4.38 0.32
C GLU C 299 17.16 -3.28 -0.44
N GLY C 300 16.80 -3.07 -1.70
CA GLY C 300 17.51 -2.16 -2.56
C GLY C 300 18.72 -2.85 -3.20
N PRO C 301 19.40 -2.16 -4.13
CA PRO C 301 20.49 -2.71 -4.95
C PRO C 301 21.73 -3.20 -4.18
N ILE C 302 21.88 -2.82 -2.91
CA ILE C 302 22.93 -3.40 -2.07
C ILE C 302 22.82 -4.94 -1.97
N ILE C 303 21.62 -5.48 -2.17
CA ILE C 303 21.40 -6.92 -2.17
C ILE C 303 22.37 -7.70 -3.07
N PHE C 304 22.73 -7.10 -4.21
CA PHE C 304 23.62 -7.78 -5.16
C PHE C 304 25.00 -8.07 -4.59
N ALA C 305 25.53 -7.14 -3.80
CA ALA C 305 26.79 -7.39 -3.07
C ALA C 305 26.67 -8.57 -2.11
N ARG C 306 25.56 -8.60 -1.36
CA ARG C 306 25.31 -9.69 -0.42
C ARG C 306 25.17 -11.05 -1.13
N LEU C 307 24.43 -11.05 -2.24
CA LEU C 307 24.22 -12.27 -3.01
C LEU C 307 25.51 -12.85 -3.58
N ASN C 308 26.36 -11.99 -4.12
CA ASN C 308 27.67 -12.41 -4.63
C ASN C 308 28.49 -13.07 -3.52
N LYS C 309 28.54 -12.39 -2.37
CA LYS C 309 29.26 -12.92 -1.20
C LYS C 309 28.70 -14.26 -0.72
N GLU C 310 27.38 -14.34 -0.55
CA GLU C 310 26.74 -15.57 -0.07
C GLU C 310 26.88 -16.76 -1.03
N LEU C 311 26.80 -16.51 -2.33
CA LEU C 311 26.96 -17.57 -3.32
C LEU C 311 28.38 -18.11 -3.30
N GLN C 312 29.35 -17.21 -3.19
CA GLN C 312 30.76 -17.58 -3.07
C GLN C 312 31.05 -18.41 -1.81
N GLU C 313 30.45 -18.02 -0.69
CA GLU C 313 30.56 -18.78 0.58
C GLU C 313 30.08 -20.22 0.43
N ILE C 314 28.91 -20.40 -0.18
CA ILE C 314 28.35 -21.73 -0.42
C ILE C 314 29.27 -22.55 -1.33
N MET C 315 29.75 -21.92 -2.41
CA MET C 315 30.66 -22.57 -3.34
C MET C 315 31.96 -23.01 -2.65
N THR C 316 32.52 -22.12 -1.82
CA THR C 316 33.71 -22.43 -1.02
C THR C 316 33.48 -23.62 -0.10
N ASN C 317 32.36 -23.63 0.60
CA ASN C 317 31.99 -24.74 1.48
C ASN C 317 31.85 -26.08 0.74
N LYS C 318 31.39 -26.04 -0.50
CA LYS C 318 31.20 -27.23 -1.32
C LYS C 318 32.39 -27.60 -2.24
N GLY C 319 33.41 -26.75 -2.30
CA GLY C 319 34.58 -26.98 -3.14
C GLY C 319 34.34 -26.76 -4.63
N TYR C 320 33.37 -25.92 -4.96
CA TYR C 320 33.12 -25.51 -6.34
C TYR C 320 33.88 -24.23 -6.64
N LYS C 321 34.56 -24.19 -7.79
CA LYS C 321 35.32 -23.01 -8.24
C LYS C 321 34.60 -22.19 -9.31
N THR C 322 33.73 -22.83 -10.08
CA THR C 322 32.94 -22.18 -11.13
C THR C 322 31.49 -22.66 -11.09
N LEU C 323 30.60 -21.88 -11.69
CA LEU C 323 29.18 -22.22 -11.74
C LEU C 323 28.89 -23.44 -12.62
N ASP C 324 29.73 -23.67 -13.65
CA ASP C 324 29.56 -24.84 -14.53
C ASP C 324 29.78 -26.19 -13.82
N GLU C 325 30.45 -26.17 -12.67
CA GLU C 325 30.62 -27.40 -11.88
C GLU C 325 29.34 -27.95 -11.27
N PHE C 326 28.31 -27.10 -11.10
CA PHE C 326 27.03 -27.56 -10.55
C PHE C 326 25.76 -27.14 -11.30
N ARG C 327 25.87 -26.33 -12.35
CA ARG C 327 24.67 -25.90 -13.08
C ARG C 327 23.93 -27.10 -13.66
N GLY C 328 22.65 -27.21 -13.31
CA GLY C 328 21.81 -28.29 -13.81
C GLY C 328 22.10 -29.68 -13.24
N ARG C 329 22.87 -29.74 -12.16
CA ARG C 329 23.29 -31.01 -11.55
C ARG C 329 22.55 -31.37 -10.27
N VAL C 330 21.33 -30.86 -10.13
CA VAL C 330 20.42 -31.34 -9.08
C VAL C 330 20.36 -32.87 -9.13
N LYS C 331 20.46 -33.49 -7.96
CA LYS C 331 20.43 -34.94 -7.86
C LYS C 331 19.00 -35.39 -7.62
N THR C 332 18.59 -36.44 -8.31
CA THR C 332 17.31 -37.11 -8.06
C THR C 332 17.55 -38.39 -7.26
N MET C 333 16.48 -39.00 -6.77
CA MET C 333 16.57 -40.19 -5.92
C MET C 333 16.55 -41.48 -6.73
N GLY D 20 -23.59 -15.80 25.01
CA GLY D 20 -23.61 -15.15 23.66
C GLY D 20 -23.82 -16.15 22.55
N SER D 21 -24.93 -16.03 21.83
CA SER D 21 -25.29 -16.96 20.77
C SER D 21 -24.14 -17.03 19.74
N MET D 22 -23.73 -18.25 19.42
CA MET D 22 -22.57 -18.49 18.57
C MET D 22 -22.76 -19.83 17.92
N SER D 23 -22.68 -19.86 16.59
CA SER D 23 -22.86 -21.11 15.87
C SER D 23 -21.91 -21.16 14.68
N LEU D 24 -21.19 -22.28 14.57
CA LEU D 24 -20.41 -22.59 13.37
C LEU D 24 -21.17 -23.50 12.40
N LYS D 25 -22.46 -23.71 12.62
CA LYS D 25 -23.23 -24.63 11.79
C LYS D 25 -23.27 -24.20 10.34
N VAL D 26 -23.38 -25.19 9.46
CA VAL D 26 -23.44 -25.00 8.03
C VAL D 26 -24.55 -25.92 7.55
N ASN D 27 -25.55 -25.31 6.90
CA ASN D 27 -26.72 -26.04 6.42
C ASN D 27 -26.70 -26.08 4.90
N ILE D 28 -26.11 -27.14 4.37
CA ILE D 28 -25.95 -27.32 2.93
C ILE D 28 -26.16 -28.77 2.54
N LEU D 29 -26.48 -28.99 1.27
CA LEU D 29 -26.59 -30.32 0.67
C LEU D 29 -27.57 -31.26 1.40
N GLY D 30 -28.57 -30.68 2.06
CA GLY D 30 -29.54 -31.45 2.86
C GLY D 30 -29.04 -31.93 4.22
N HIS D 31 -27.94 -31.36 4.71
CA HIS D 31 -27.36 -31.76 6.00
C HIS D 31 -27.09 -30.56 6.89
N GLU D 32 -27.01 -30.80 8.19
CA GLU D 32 -26.58 -29.79 9.14
C GLU D 32 -25.21 -30.18 9.69
N PHE D 33 -24.18 -29.47 9.25
CA PHE D 33 -22.82 -29.71 9.69
C PHE D 33 -22.58 -28.86 10.93
N SER D 34 -21.99 -29.46 11.95
CA SER D 34 -21.71 -28.75 13.21
C SER D 34 -20.73 -27.59 13.05
N ASN D 35 -19.84 -27.72 12.07
CA ASN D 35 -18.86 -26.69 11.76
C ASN D 35 -18.39 -26.89 10.31
N PRO D 36 -17.66 -25.90 9.75
CA PRO D 36 -17.31 -26.00 8.34
C PRO D 36 -16.07 -26.86 8.02
N PHE D 37 -15.41 -27.40 9.02
CA PHE D 37 -14.12 -28.07 8.81
C PHE D 37 -14.20 -29.55 8.46
N MET D 38 -13.31 -29.95 7.55
CA MET D 38 -13.13 -31.35 7.17
C MET D 38 -11.69 -31.51 6.69
N ASN D 39 -11.29 -32.76 6.49
CA ASN D 39 -10.01 -33.06 5.87
C ASN D 39 -10.07 -32.83 4.37
N ALA D 40 -8.90 -32.63 3.76
CA ALA D 40 -8.73 -32.72 2.32
C ALA D 40 -8.57 -34.20 1.97
N ALA D 41 -9.00 -34.58 0.77
CA ALA D 41 -9.08 -35.99 0.36
C ALA D 41 -7.74 -36.74 0.15
N GLY D 42 -6.61 -36.12 0.46
CA GLY D 42 -5.32 -36.81 0.48
C GLY D 42 -4.77 -37.11 1.87
N VAL D 43 -5.41 -36.62 2.92
CA VAL D 43 -4.83 -36.63 4.27
C VAL D 43 -5.76 -37.30 5.28
N LEU D 44 -5.19 -38.23 6.06
CA LEU D 44 -5.85 -38.94 7.17
C LEU D 44 -7.21 -39.50 6.79
N CYS D 45 -7.26 -40.23 5.68
CA CYS D 45 -8.51 -40.81 5.21
C CYS D 45 -8.38 -42.05 4.32
N THR D 46 -7.26 -42.76 4.40
CA THR D 46 -7.03 -43.94 3.54
C THR D 46 -7.63 -45.21 4.12
N THR D 47 -7.35 -45.47 5.39
CA THR D 47 -7.74 -46.73 6.06
C THR D 47 -8.94 -46.52 6.96
N GLU D 48 -9.44 -47.63 7.49
CA GLU D 48 -10.55 -47.61 8.45
C GLU D 48 -10.17 -46.85 9.71
N GLU D 49 -8.93 -47.03 10.18
CA GLU D 49 -8.43 -46.32 11.36
C GLU D 49 -8.34 -44.81 11.13
N ASP D 50 -7.85 -44.41 9.95
CA ASP D 50 -7.81 -43.00 9.55
C ASP D 50 -9.21 -42.35 9.62
N LEU D 51 -10.16 -43.00 8.97
CA LEU D 51 -11.55 -42.52 8.89
C LEU D 51 -12.23 -42.51 10.26
N ARG D 52 -11.91 -43.49 11.08
CA ARG D 52 -12.35 -43.54 12.48
C ARG D 52 -11.88 -42.33 13.26
N ARG D 53 -10.60 -42.00 13.12
CA ARG D 53 -10.01 -40.85 13.80
C ARG D 53 -10.64 -39.53 13.33
N MET D 54 -10.94 -39.44 12.04
CA MET D 54 -11.64 -38.27 11.48
C MET D 54 -13.06 -38.15 12.06
N THR D 55 -13.76 -39.28 12.16
CA THR D 55 -15.10 -39.32 12.74
C THR D 55 -15.10 -38.91 14.23
N GLU D 56 -14.09 -39.38 14.98
CA GLU D 56 -13.92 -39.02 16.39
C GLU D 56 -13.55 -37.57 16.64
N SER D 57 -12.92 -36.93 15.66
CA SER D 57 -12.43 -35.56 15.80
C SER D 57 -13.59 -34.58 15.87
N GLU D 58 -13.26 -33.34 16.20
CA GLU D 58 -14.24 -32.26 16.22
C GLU D 58 -14.61 -31.71 14.83
N SER D 59 -14.14 -32.34 13.75
CA SER D 59 -14.45 -31.89 12.39
C SER D 59 -15.94 -31.97 12.07
N GLY D 60 -16.43 -31.00 11.33
CA GLY D 60 -17.80 -31.01 10.84
C GLY D 60 -18.12 -32.10 9.85
N SER D 61 -17.12 -32.54 9.09
CA SER D 61 -17.30 -33.65 8.16
C SER D 61 -15.97 -34.33 7.88
N LEU D 62 -15.98 -35.24 6.94
CA LEU D 62 -14.77 -35.93 6.50
C LEU D 62 -14.98 -36.44 5.09
N ILE D 63 -13.89 -36.72 4.40
CA ILE D 63 -13.94 -37.22 3.05
C ILE D 63 -12.95 -38.38 2.90
N GLY D 64 -13.41 -39.44 2.24
CA GLY D 64 -12.57 -40.60 1.99
C GLY D 64 -11.46 -40.27 1.02
N LYS D 65 -10.35 -40.99 1.14
CA LYS D 65 -9.20 -40.84 0.25
C LYS D 65 -9.62 -40.97 -1.22
N SER D 66 -9.09 -40.10 -2.08
CA SER D 66 -9.38 -40.13 -3.51
C SER D 66 -9.09 -41.53 -4.05
N CYS D 67 -10.14 -42.21 -4.49
CA CYS D 67 -10.02 -43.64 -4.76
C CYS D 67 -10.11 -43.95 -6.24
N THR D 68 -9.73 -45.18 -6.57
CA THR D 68 -9.79 -45.69 -7.92
C THR D 68 -10.56 -47.00 -7.86
N LEU D 69 -10.88 -47.55 -9.02
CA LEU D 69 -11.72 -48.75 -9.11
C LEU D 69 -11.08 -49.92 -8.39
N ALA D 70 -9.82 -50.19 -8.72
CA ALA D 70 -9.02 -51.16 -7.98
C ALA D 70 -8.12 -50.43 -7.00
N PRO D 71 -7.65 -51.12 -5.95
CA PRO D 71 -6.67 -50.49 -5.05
C PRO D 71 -5.39 -50.07 -5.78
N ARG D 72 -4.68 -49.10 -5.20
CA ARG D 72 -3.42 -48.57 -5.74
C ARG D 72 -2.38 -48.48 -4.66
N THR D 73 -1.16 -48.87 -5.00
CA THR D 73 -0.04 -48.74 -4.08
C THR D 73 0.44 -47.28 -4.02
N GLY D 74 0.23 -46.54 -5.10
CA GLY D 74 0.71 -45.16 -5.20
C GLY D 74 2.11 -45.12 -5.78
N ASN D 75 2.76 -43.96 -5.64
CA ASN D 75 4.11 -43.74 -6.16
C ASN D 75 5.19 -44.19 -5.16
N PRO D 76 6.44 -44.35 -5.63
CA PRO D 76 7.51 -44.79 -4.73
C PRO D 76 7.86 -43.81 -3.59
N GLU D 77 8.11 -44.36 -2.40
CA GLU D 77 8.48 -43.55 -1.23
C GLU D 77 9.96 -43.18 -1.26
N PRO D 78 10.37 -42.05 -0.66
CA PRO D 78 9.50 -41.09 0.03
C PRO D 78 8.72 -40.20 -0.96
N ARG D 79 7.44 -40.00 -0.68
CA ARG D 79 6.55 -39.26 -1.58
C ARG D 79 5.76 -38.12 -0.93
N TYR D 80 6.05 -37.82 0.33
CA TYR D 80 5.42 -36.70 1.04
C TYR D 80 6.47 -36.11 1.94
N PHE D 81 6.69 -34.81 1.81
CA PHE D 81 7.75 -34.14 2.54
C PHE D 81 7.26 -32.81 3.13
N GLY D 82 7.31 -32.72 4.46
CA GLY D 82 6.94 -31.50 5.18
C GLY D 82 8.00 -30.43 5.09
N LEU D 83 7.57 -29.19 4.89
CA LEU D 83 8.43 -28.03 4.69
C LEU D 83 8.07 -26.93 5.67
N PRO D 84 9.02 -26.00 5.95
CA PRO D 84 8.66 -24.85 6.81
C PRO D 84 7.45 -24.02 6.34
N LEU D 85 7.24 -23.93 5.03
CA LEU D 85 6.12 -23.18 4.47
C LEU D 85 5.01 -24.06 3.90
N GLY D 86 5.06 -25.36 4.16
CA GLY D 86 3.98 -26.25 3.77
C GLY D 86 4.41 -27.68 3.56
N SER D 87 4.17 -28.18 2.35
CA SER D 87 4.52 -29.53 1.97
C SER D 87 4.67 -29.67 0.48
N ILE D 88 5.36 -30.73 0.09
CA ILE D 88 5.41 -31.17 -1.30
C ILE D 88 5.14 -32.67 -1.29
N ASN D 89 4.36 -33.13 -2.25
CA ASN D 89 4.05 -34.56 -2.33
C ASN D 89 3.83 -35.05 -3.75
N SER D 90 4.10 -36.34 -3.94
CA SER D 90 3.70 -37.05 -5.14
C SER D 90 3.18 -38.44 -4.76
N MET D 91 2.01 -38.47 -4.14
CA MET D 91 1.53 -39.69 -3.52
C MET D 91 1.07 -40.67 -4.60
N GLY D 92 0.44 -40.15 -5.64
CA GLY D 92 0.02 -40.95 -6.78
C GLY D 92 -1.22 -41.80 -6.53
N LEU D 93 -2.19 -41.24 -5.80
CA LEU D 93 -3.49 -41.87 -5.54
C LEU D 93 -3.44 -43.25 -4.88
N PRO D 94 -2.64 -43.40 -3.81
CA PRO D 94 -2.65 -44.67 -3.07
C PRO D 94 -3.99 -44.78 -2.35
N ASN D 95 -4.68 -45.89 -2.55
CA ASN D 95 -5.98 -46.06 -1.93
C ASN D 95 -6.35 -47.53 -1.90
N LEU D 96 -7.33 -47.83 -1.04
CA LEU D 96 -7.79 -49.20 -0.83
C LEU D 96 -8.83 -49.70 -1.81
N GLY D 97 -9.15 -48.90 -2.83
CA GLY D 97 -10.06 -49.29 -3.88
C GLY D 97 -11.46 -48.86 -3.52
N VAL D 98 -12.28 -48.64 -4.53
CA VAL D 98 -13.62 -48.07 -4.33
C VAL D 98 -14.49 -48.98 -3.45
N ASP D 99 -14.36 -50.29 -3.59
CA ASP D 99 -15.15 -51.24 -2.77
C ASP D 99 -14.97 -51.04 -1.27
N PHE D 100 -13.74 -50.74 -0.84
CA PHE D 100 -13.49 -50.48 0.58
C PHE D 100 -14.24 -49.23 1.06
N TYR D 101 -14.16 -48.14 0.28
CA TYR D 101 -14.77 -46.86 0.69
C TYR D 101 -16.29 -46.92 0.63
N LEU D 102 -16.84 -47.64 -0.34
CA LEU D 102 -18.27 -47.90 -0.42
C LEU D 102 -18.78 -48.74 0.76
N SER D 103 -18.03 -49.79 1.10
CA SER D 103 -18.38 -50.62 2.26
C SER D 103 -18.28 -49.84 3.56
N TYR D 104 -17.28 -48.97 3.66
CA TYR D 104 -17.17 -48.06 4.79
C TYR D 104 -18.41 -47.18 4.87
N ALA D 105 -18.80 -46.61 3.73
CA ALA D 105 -19.94 -45.70 3.64
C ALA D 105 -21.26 -46.39 3.94
N ALA D 106 -21.42 -47.62 3.45
CA ALA D 106 -22.64 -48.40 3.60
C ALA D 106 -22.78 -49.07 4.97
N GLN D 107 -21.69 -49.61 5.51
CA GLN D 107 -21.76 -50.51 6.68
C GLN D 107 -21.08 -50.02 7.97
N THR D 108 -20.21 -49.02 7.87
CA THR D 108 -19.28 -48.69 8.97
C THR D 108 -19.42 -47.28 9.53
N HIS D 109 -19.56 -46.29 8.65
CA HIS D 109 -19.55 -44.90 9.07
C HIS D 109 -20.75 -44.54 9.95
N ASP D 110 -20.46 -43.85 11.06
CA ASP D 110 -21.49 -43.33 11.95
C ASP D 110 -22.00 -41.96 11.47
N TYR D 111 -23.10 -41.98 10.72
CA TYR D 111 -23.73 -40.75 10.21
C TYR D 111 -24.37 -39.86 11.29
N SER D 112 -24.61 -40.40 12.48
CA SER D 112 -25.08 -39.60 13.61
C SER D 112 -24.00 -38.66 14.15
N ARG D 113 -22.72 -38.98 13.87
CA ARG D 113 -21.60 -38.10 14.20
C ARG D 113 -21.46 -36.98 13.18
N LYS D 114 -21.33 -37.35 11.91
CA LYS D 114 -21.20 -36.37 10.82
C LYS D 114 -21.47 -36.97 9.45
N PRO D 115 -21.83 -36.12 8.48
CA PRO D 115 -21.97 -36.63 7.11
C PRO D 115 -20.63 -37.05 6.53
N LEU D 116 -20.70 -37.84 5.46
CA LEU D 116 -19.52 -38.39 4.80
C LEU D 116 -19.51 -38.07 3.31
N PHE D 117 -18.36 -37.57 2.84
CA PHE D 117 -18.07 -37.45 1.42
C PHE D 117 -17.12 -38.59 1.00
N LEU D 118 -17.18 -38.96 -0.28
CA LEU D 118 -16.16 -39.81 -0.90
C LEU D 118 -15.56 -39.10 -2.10
N SER D 119 -14.24 -39.06 -2.16
CA SER D 119 -13.54 -38.55 -3.32
C SER D 119 -13.29 -39.70 -4.28
N MET D 120 -13.76 -39.55 -5.53
CA MET D 120 -13.53 -40.56 -6.56
C MET D 120 -12.67 -39.98 -7.67
N SER D 121 -11.60 -40.70 -8.00
CA SER D 121 -10.54 -40.16 -8.84
C SER D 121 -10.07 -41.20 -9.85
N GLY D 122 -11.00 -41.69 -10.66
CA GLY D 122 -10.68 -42.63 -11.74
C GLY D 122 -9.76 -41.99 -12.76
N LEU D 123 -8.83 -42.80 -13.30
CA LEU D 123 -7.80 -42.31 -14.23
C LEU D 123 -8.27 -42.26 -15.69
N SER D 124 -9.52 -42.65 -15.93
CA SER D 124 -10.17 -42.42 -17.20
C SER D 124 -11.65 -42.17 -16.94
N VAL D 125 -12.35 -41.60 -17.93
CA VAL D 125 -13.78 -41.34 -17.80
C VAL D 125 -14.56 -42.66 -17.64
N GLU D 126 -14.10 -43.70 -18.34
CA GLU D 126 -14.73 -45.02 -18.28
C GLU D 126 -14.64 -45.62 -16.87
N GLU D 127 -13.48 -45.47 -16.24
CA GLU D 127 -13.28 -45.89 -14.85
C GLU D 127 -14.13 -45.09 -13.87
N SER D 128 -14.19 -43.78 -14.04
CA SER D 128 -15.04 -42.95 -13.19
C SER D 128 -16.53 -43.32 -13.29
N VAL D 129 -16.99 -43.60 -14.51
CA VAL D 129 -18.38 -44.00 -14.76
C VAL D 129 -18.76 -45.29 -14.02
N GLU D 130 -17.88 -46.30 -14.05
CA GLU D 130 -18.09 -47.54 -13.28
C GLU D 130 -18.16 -47.30 -11.78
N MET D 131 -17.28 -46.43 -11.29
CA MET D 131 -17.19 -46.13 -9.85
C MET D 131 -18.43 -45.42 -9.32
N VAL D 132 -18.88 -44.37 -10.03
CA VAL D 132 -20.03 -43.58 -9.58
C VAL D 132 -21.33 -44.39 -9.61
N LYS D 133 -21.47 -45.26 -10.61
CA LYS D 133 -22.61 -46.19 -10.69
C LYS D 133 -22.78 -47.04 -9.43
N LYS D 134 -21.66 -47.53 -8.88
CA LYS D 134 -21.66 -48.29 -7.62
C LYS D 134 -22.09 -47.44 -6.42
N LEU D 135 -21.79 -46.15 -6.45
CA LEU D 135 -22.16 -45.24 -5.37
C LEU D 135 -23.65 -44.93 -5.31
N VAL D 136 -24.33 -44.95 -6.45
CA VAL D 136 -25.74 -44.49 -6.55
C VAL D 136 -26.64 -45.05 -5.43
N PRO D 137 -26.74 -46.39 -5.30
CA PRO D 137 -27.56 -46.96 -4.21
C PRO D 137 -27.16 -46.56 -2.79
N ILE D 138 -25.87 -46.33 -2.55
CA ILE D 138 -25.38 -45.95 -1.23
C ILE D 138 -25.70 -44.49 -0.90
N THR D 139 -25.57 -43.60 -1.89
CA THR D 139 -26.04 -42.20 -1.73
C THR D 139 -27.52 -42.16 -1.38
N LYS D 140 -28.32 -42.95 -2.09
CA LYS D 140 -29.77 -42.99 -1.83
C LYS D 140 -30.14 -43.54 -0.45
N GLU D 141 -29.46 -44.59 0.00
CA GLU D 141 -29.74 -45.19 1.31
C GLU D 141 -29.12 -44.41 2.46
N LYS D 142 -27.85 -44.02 2.31
CA LYS D 142 -27.08 -43.41 3.41
C LYS D 142 -26.83 -41.91 3.29
N GLY D 143 -27.01 -41.34 2.10
CA GLY D 143 -26.74 -39.92 1.88
C GLY D 143 -25.28 -39.57 1.60
N THR D 144 -24.46 -40.56 1.29
CA THR D 144 -23.03 -40.34 1.02
C THR D 144 -22.87 -39.41 -0.18
N ILE D 145 -22.02 -38.40 -0.03
CA ILE D 145 -21.87 -37.33 -1.02
C ILE D 145 -20.62 -37.57 -1.86
N LEU D 146 -20.74 -37.39 -3.18
CA LEU D 146 -19.62 -37.55 -4.11
C LEU D 146 -18.88 -36.23 -4.38
N GLU D 147 -17.56 -36.27 -4.28
CA GLU D 147 -16.65 -35.24 -4.81
C GLU D 147 -15.84 -35.90 -5.93
N LEU D 148 -16.12 -35.52 -7.19
CA LEU D 148 -15.40 -36.05 -8.34
C LEU D 148 -14.07 -35.30 -8.47
N ASN D 149 -12.96 -36.04 -8.44
CA ASN D 149 -11.63 -35.41 -8.49
C ASN D 149 -11.15 -35.20 -9.94
N LEU D 150 -10.94 -33.94 -10.30
CA LEU D 150 -10.47 -33.58 -11.65
C LEU D 150 -9.11 -32.88 -11.58
N SER D 151 -8.34 -33.19 -10.54
CA SER D 151 -7.22 -32.34 -10.14
C SER D 151 -5.88 -33.00 -9.84
N CYS D 152 -5.77 -34.34 -9.86
CA CYS D 152 -4.52 -34.98 -9.37
C CYS D 152 -3.34 -34.68 -10.30
N PRO D 153 -2.28 -34.03 -9.76
CA PRO D 153 -1.10 -33.68 -10.56
C PRO D 153 0.07 -34.66 -10.41
N ASN D 154 -0.15 -35.81 -9.76
CA ASN D 154 0.95 -36.69 -9.34
C ASN D 154 0.99 -38.09 -9.97
N VAL D 155 0.12 -38.35 -10.94
CA VAL D 155 0.11 -39.63 -11.64
C VAL D 155 0.89 -39.50 -12.95
N PRO D 156 2.03 -40.23 -13.07
CA PRO D 156 2.83 -40.12 -14.30
C PRO D 156 2.06 -40.48 -15.57
N GLY D 157 2.12 -39.59 -16.56
CA GLY D 157 1.42 -39.78 -17.83
C GLY D 157 -0.03 -39.36 -17.85
N LYS D 158 -0.54 -38.83 -16.73
CA LYS D 158 -1.94 -38.44 -16.62
C LYS D 158 -2.05 -36.94 -16.26
N PRO D 159 -2.28 -36.07 -17.26
CA PRO D 159 -2.45 -34.63 -16.99
C PRO D 159 -3.68 -34.33 -16.12
N GLN D 160 -3.64 -33.19 -15.44
CA GLN D 160 -4.76 -32.74 -14.62
C GLN D 160 -5.97 -32.47 -15.52
N VAL D 161 -7.05 -33.22 -15.30
CA VAL D 161 -8.23 -33.17 -16.16
C VAL D 161 -8.80 -31.75 -16.27
N GLY D 162 -8.79 -31.03 -15.15
CA GLY D 162 -9.31 -29.66 -15.07
C GLY D 162 -8.57 -28.61 -15.90
N TYR D 163 -7.39 -28.95 -16.41
CA TYR D 163 -6.68 -28.08 -17.35
C TYR D 163 -7.00 -28.35 -18.82
N ASP D 164 -7.91 -29.28 -19.09
CA ASP D 164 -8.41 -29.52 -20.43
C ASP D 164 -9.92 -29.42 -20.36
N PHE D 165 -10.46 -28.30 -20.85
CA PHE D 165 -11.88 -28.03 -20.67
C PHE D 165 -12.80 -28.93 -21.52
N ASP D 166 -12.29 -29.45 -22.63
CA ASP D 166 -13.02 -30.46 -23.41
C ASP D 166 -13.11 -31.79 -22.67
N THR D 167 -11.99 -32.23 -22.09
CA THR D 167 -11.98 -33.46 -21.32
C THR D 167 -12.83 -33.33 -20.06
N THR D 168 -12.72 -32.17 -19.40
CA THR D 168 -13.55 -31.89 -18.23
C THR D 168 -15.04 -31.99 -18.57
N ARG D 169 -15.45 -31.38 -19.68
CA ARG D 169 -16.83 -31.46 -20.16
C ARG D 169 -17.30 -32.91 -20.34
N THR D 170 -16.46 -33.74 -20.97
CA THR D 170 -16.75 -35.16 -21.15
C THR D 170 -16.97 -35.88 -19.82
N TYR D 171 -16.04 -35.68 -18.87
CA TYR D 171 -16.18 -36.25 -17.53
C TYR D 171 -17.50 -35.86 -16.86
N LEU D 172 -17.86 -34.59 -16.94
CA LEU D 172 -19.07 -34.10 -16.28
C LEU D 172 -20.33 -34.61 -16.97
N GLN D 173 -20.30 -34.70 -18.30
CA GLN D 173 -21.43 -35.24 -19.05
C GLN D 173 -21.68 -36.71 -18.69
N LYS D 174 -20.63 -37.52 -18.74
CA LYS D 174 -20.77 -38.97 -18.49
C LYS D 174 -21.05 -39.32 -17.03
N VAL D 175 -20.45 -38.59 -16.10
CA VAL D 175 -20.75 -38.78 -14.67
C VAL D 175 -22.17 -38.29 -14.35
N SER D 176 -22.59 -37.19 -14.95
CA SER D 176 -23.99 -36.72 -14.82
C SER D 176 -25.00 -37.77 -15.29
N GLU D 177 -24.76 -38.36 -16.46
CA GLU D 177 -25.62 -39.43 -17.01
C GLU D 177 -25.61 -40.68 -16.11
N ALA D 178 -24.42 -41.11 -15.70
CA ALA D 178 -24.23 -42.36 -14.94
C ALA D 178 -24.66 -42.27 -13.48
N TYR D 179 -24.35 -41.15 -12.82
CA TYR D 179 -24.65 -40.97 -11.40
C TYR D 179 -26.04 -40.38 -11.20
N GLY D 180 -26.37 -39.36 -12.00
CA GLY D 180 -27.73 -38.79 -12.01
C GLY D 180 -28.20 -38.07 -10.76
N LEU D 181 -27.28 -37.81 -9.83
CA LEU D 181 -27.59 -37.18 -8.55
C LEU D 181 -26.64 -36.00 -8.36
N PRO D 182 -26.99 -35.06 -7.46
CA PRO D 182 -26.09 -33.92 -7.21
C PRO D 182 -24.72 -34.37 -6.69
N PHE D 183 -23.66 -33.77 -7.22
CA PHE D 183 -22.30 -34.11 -6.83
C PHE D 183 -21.42 -32.88 -6.91
N GLY D 184 -20.20 -33.01 -6.39
CA GLY D 184 -19.22 -31.92 -6.43
C GLY D 184 -17.99 -32.30 -7.22
N VAL D 185 -17.14 -31.30 -7.45
CA VAL D 185 -15.92 -31.49 -8.22
C VAL D 185 -14.75 -30.84 -7.47
N LYS D 186 -13.59 -31.50 -7.51
CA LYS D 186 -12.37 -30.90 -6.95
C LYS D 186 -11.52 -30.44 -8.12
N MET D 187 -11.16 -29.16 -8.11
CA MET D 187 -10.50 -28.52 -9.25
C MET D 187 -9.04 -28.24 -8.97
N PRO D 188 -8.22 -28.28 -10.03
CA PRO D 188 -6.88 -27.73 -9.91
C PRO D 188 -6.95 -26.20 -9.89
N PRO D 189 -5.91 -25.54 -9.36
CA PRO D 189 -5.92 -24.08 -9.34
C PRO D 189 -5.72 -23.46 -10.72
N TYR D 190 -6.43 -22.38 -10.97
CA TYR D 190 -6.23 -21.56 -12.19
C TYR D 190 -5.54 -20.27 -11.82
N PHE D 191 -4.81 -19.72 -12.80
CA PHE D 191 -3.91 -18.57 -12.59
C PHE D 191 -4.12 -17.44 -13.60
N ASP D 192 -5.22 -17.51 -14.35
CA ASP D 192 -5.55 -16.50 -15.34
C ASP D 192 -7.04 -16.29 -15.32
N ILE D 193 -7.45 -15.03 -15.52
CA ILE D 193 -8.87 -14.68 -15.47
C ILE D 193 -9.65 -15.41 -16.57
N ALA D 194 -9.04 -15.52 -17.75
CA ALA D 194 -9.65 -16.27 -18.86
C ALA D 194 -9.95 -17.73 -18.49
N HIS D 195 -9.10 -18.34 -17.66
CA HIS D 195 -9.32 -19.71 -17.21
C HIS D 195 -10.43 -19.83 -16.18
N PHE D 196 -10.56 -18.85 -15.28
CA PHE D 196 -11.74 -18.82 -14.39
C PHE D 196 -13.01 -18.76 -15.24
N ASP D 197 -13.00 -17.89 -16.25
CA ASP D 197 -14.17 -17.76 -17.13
C ASP D 197 -14.46 -19.07 -17.88
N MET D 198 -13.41 -19.67 -18.45
CA MET D 198 -13.57 -20.92 -19.20
C MET D 198 -14.03 -22.08 -18.33
N ALA D 199 -13.45 -22.20 -17.13
CA ALA D 199 -13.82 -23.26 -16.20
C ALA D 199 -15.25 -23.10 -15.70
N ALA D 200 -15.62 -21.88 -15.32
CA ALA D 200 -17.02 -21.61 -14.91
C ALA D 200 -18.02 -21.89 -16.01
N ALA D 201 -17.67 -21.57 -17.26
CA ALA D 201 -18.53 -21.83 -18.41
C ALA D 201 -18.84 -23.32 -18.59
N VAL D 202 -17.86 -24.18 -18.34
CA VAL D 202 -18.08 -25.62 -18.35
C VAL D 202 -18.93 -26.03 -17.15
N LEU D 203 -18.53 -25.65 -15.94
CA LEU D 203 -19.21 -26.07 -14.71
C LEU D 203 -20.67 -25.62 -14.68
N ASN D 204 -20.96 -24.41 -15.15
CA ASN D 204 -22.33 -23.89 -15.20
C ASN D 204 -23.25 -24.57 -16.22
N ASP D 205 -22.68 -25.35 -17.13
CA ASP D 205 -23.47 -26.20 -18.05
C ASP D 205 -24.02 -27.49 -17.43
N PHE D 206 -23.65 -27.81 -16.19
CA PHE D 206 -24.03 -29.07 -15.55
C PHE D 206 -24.76 -28.80 -14.24
N PRO D 207 -26.12 -28.79 -14.28
CA PRO D 207 -26.92 -28.50 -13.08
C PRO D 207 -26.65 -29.42 -11.89
N LEU D 208 -26.24 -30.66 -12.14
CA LEU D 208 -25.93 -31.60 -11.07
C LEU D 208 -24.66 -31.29 -10.28
N VAL D 209 -23.75 -30.49 -10.83
CA VAL D 209 -22.58 -30.05 -10.09
C VAL D 209 -23.05 -29.01 -9.09
N LYS D 210 -23.12 -29.39 -7.81
CA LYS D 210 -23.64 -28.50 -6.74
C LYS D 210 -22.59 -27.92 -5.81
N PHE D 211 -21.36 -28.41 -5.90
CA PHE D 211 -20.26 -27.77 -5.20
C PHE D 211 -18.94 -27.93 -5.95
N ILE D 212 -18.04 -26.99 -5.68
CA ILE D 212 -16.73 -26.91 -6.33
C ILE D 212 -15.71 -26.77 -5.20
N THR D 213 -14.72 -27.66 -5.17
CA THR D 213 -13.66 -27.58 -4.17
C THR D 213 -12.42 -26.94 -4.80
N CYS D 214 -12.06 -25.78 -4.26
CA CYS D 214 -10.93 -24.97 -4.73
C CYS D 214 -9.93 -24.84 -3.57
N VAL D 215 -8.72 -25.39 -3.66
CA VAL D 215 -8.14 -26.05 -4.81
C VAL D 215 -7.37 -27.25 -4.34
N ASN D 216 -7.04 -28.11 -5.27
CA ASN D 216 -6.05 -29.13 -5.01
C ASN D 216 -4.68 -28.42 -5.09
N SER D 217 -3.62 -29.15 -4.82
CA SER D 217 -2.28 -28.60 -4.74
C SER D 217 -1.87 -27.77 -5.95
N ILE D 218 -0.92 -26.88 -5.71
CA ILE D 218 -0.27 -26.21 -6.81
C ILE D 218 0.67 -27.24 -7.42
N GLY D 219 0.37 -27.64 -8.64
CA GLY D 219 0.98 -28.83 -9.24
C GLY D 219 2.43 -28.64 -9.63
N ASN D 220 3.20 -29.72 -9.51
CA ASN D 220 4.52 -29.86 -10.12
C ASN D 220 5.52 -28.76 -9.76
N GLY D 221 5.59 -28.47 -8.46
CA GLY D 221 6.70 -27.71 -7.88
C GLY D 221 7.91 -28.61 -7.69
N LEU D 222 9.03 -27.99 -7.35
CA LEU D 222 10.29 -28.72 -7.13
C LEU D 222 11.02 -28.16 -5.92
N VAL D 223 11.30 -29.04 -4.95
CA VAL D 223 12.02 -28.65 -3.75
C VAL D 223 13.36 -29.39 -3.75
N ILE D 224 14.43 -28.64 -3.50
CA ILE D 224 15.80 -29.18 -3.49
C ILE D 224 16.45 -28.81 -2.15
N ASP D 225 17.06 -29.80 -1.51
CA ASP D 225 17.81 -29.57 -0.28
C ASP D 225 19.21 -29.05 -0.64
N PRO D 226 19.56 -27.81 -0.22
CA PRO D 226 20.86 -27.25 -0.58
C PRO D 226 22.07 -27.93 0.08
N ALA D 227 21.84 -28.53 1.26
CA ALA D 227 22.90 -29.27 1.97
C ALA D 227 23.44 -30.47 1.19
N ASN D 228 22.56 -31.27 0.61
CA ASN D 228 22.95 -32.46 -0.17
C ASN D 228 22.68 -32.37 -1.68
N GLU D 229 22.19 -31.21 -2.14
CA GLU D 229 21.93 -30.94 -3.57
C GLU D 229 20.91 -31.91 -4.22
N THR D 230 20.02 -32.46 -3.40
CA THR D 230 19.12 -33.52 -3.82
C THR D 230 17.67 -33.10 -3.61
N VAL D 231 16.81 -33.56 -4.52
CA VAL D 231 15.36 -33.37 -4.38
C VAL D 231 14.89 -34.12 -3.13
N VAL D 232 13.75 -33.71 -2.59
CA VAL D 232 13.28 -34.24 -1.30
C VAL D 232 12.25 -35.36 -1.40
N ILE D 233 11.71 -35.60 -2.61
CA ILE D 233 10.85 -36.75 -2.88
C ILE D 233 11.32 -37.57 -4.07
N LYS D 234 10.97 -38.85 -4.07
CA LYS D 234 11.44 -39.79 -5.08
C LYS D 234 10.73 -39.73 -6.43
N PRO D 235 9.38 -39.73 -6.45
CA PRO D 235 8.72 -39.84 -7.75
C PRO D 235 8.95 -38.64 -8.66
N LYS D 236 8.85 -38.90 -9.96
CA LYS D 236 8.87 -37.86 -11.00
C LYS D 236 10.04 -36.88 -10.88
N GLN D 237 11.21 -37.39 -10.50
CA GLN D 237 12.43 -36.59 -10.35
C GLN D 237 12.29 -35.40 -9.38
N GLY D 238 11.44 -35.58 -8.36
CA GLY D 238 11.24 -34.58 -7.34
C GLY D 238 10.05 -33.64 -7.56
N PHE D 239 9.39 -33.74 -8.70
CA PHE D 239 8.27 -32.84 -9.04
C PHE D 239 7.01 -33.30 -8.31
N GLY D 240 6.43 -32.41 -7.51
CA GLY D 240 5.27 -32.76 -6.67
C GLY D 240 4.37 -31.57 -6.40
N GLY D 241 3.19 -31.86 -5.87
CA GLY D 241 2.18 -30.84 -5.60
C GLY D 241 2.51 -30.13 -4.31
N LEU D 242 2.35 -28.80 -4.32
CA LEU D 242 2.60 -27.99 -3.14
C LEU D 242 1.32 -27.77 -2.35
N GLY D 243 1.44 -27.82 -1.03
CA GLY D 243 0.35 -27.50 -0.12
C GLY D 243 0.84 -26.59 0.97
N GLY D 244 -0.09 -26.13 1.81
CA GLY D 244 0.27 -25.33 2.99
C GLY D 244 0.31 -23.84 2.70
N LYS D 245 1.24 -23.13 3.34
CA LYS D 245 1.28 -21.67 3.27
C LYS D 245 1.53 -21.17 1.85
N TYR D 246 2.22 -21.98 1.04
CA TYR D 246 2.43 -21.67 -0.39
C TYR D 246 1.15 -21.37 -1.17
N VAL D 247 0.03 -21.98 -0.77
CA VAL D 247 -1.14 -22.02 -1.64
C VAL D 247 -2.29 -21.10 -1.20
N LEU D 248 -2.16 -20.41 -0.08
CA LEU D 248 -3.31 -19.68 0.48
C LEU D 248 -3.86 -18.60 -0.47
N PRO D 249 -3.00 -17.69 -0.98
CA PRO D 249 -3.58 -16.68 -1.88
C PRO D 249 -4.18 -17.26 -3.15
N THR D 250 -3.57 -18.31 -3.69
CA THR D 250 -4.12 -19.00 -4.85
C THR D 250 -5.48 -19.62 -4.50
N ALA D 251 -5.57 -20.25 -3.34
CA ALA D 251 -6.82 -20.88 -2.93
C ALA D 251 -7.92 -19.85 -2.72
N LEU D 252 -7.61 -18.75 -2.04
CA LEU D 252 -8.59 -17.67 -1.83
C LEU D 252 -9.11 -17.10 -3.15
N ALA D 253 -8.19 -16.92 -4.10
CA ALA D 253 -8.55 -16.40 -5.43
C ALA D 253 -9.51 -17.32 -6.16
N ASN D 254 -9.20 -18.61 -6.15
CA ASN D 254 -10.02 -19.60 -6.84
C ASN D 254 -11.39 -19.70 -6.16
N VAL D 255 -11.42 -19.74 -4.83
CA VAL D 255 -12.68 -19.75 -4.07
C VAL D 255 -13.55 -18.57 -4.47
N ASN D 256 -12.98 -17.37 -4.43
CA ASN D 256 -13.76 -16.16 -4.69
C ASN D 256 -14.19 -16.06 -6.15
N ALA D 257 -13.32 -16.47 -7.06
CA ALA D 257 -13.63 -16.43 -8.49
C ALA D 257 -14.83 -17.31 -8.87
N PHE D 258 -14.85 -18.54 -8.34
CA PHE D 258 -15.97 -19.46 -8.59
C PHE D 258 -17.20 -19.09 -7.78
N PHE D 259 -17.01 -18.57 -6.57
CA PHE D 259 -18.12 -18.07 -5.73
C PHE D 259 -18.95 -17.06 -6.53
N ARG D 260 -18.28 -16.11 -7.16
CA ARG D 260 -18.98 -15.07 -7.93
C ARG D 260 -19.57 -15.59 -9.25
N ARG D 261 -18.88 -16.52 -9.91
CA ARG D 261 -19.29 -17.01 -11.23
C ARG D 261 -20.34 -18.13 -11.22
N CYS D 262 -20.51 -18.79 -10.08
CA CYS D 262 -21.34 -20.00 -10.00
C CYS D 262 -22.34 -19.89 -8.84
N PRO D 263 -23.31 -18.97 -8.94
CA PRO D 263 -24.25 -18.77 -7.83
C PRO D 263 -25.19 -19.97 -7.53
N ASP D 264 -25.33 -20.89 -8.49
CA ASP D 264 -26.10 -22.14 -8.28
C ASP D 264 -25.31 -23.20 -7.49
N LYS D 265 -24.03 -22.95 -7.24
CA LYS D 265 -23.14 -23.91 -6.60
C LYS D 265 -22.53 -23.37 -5.33
N LEU D 266 -22.14 -24.27 -4.45
CA LEU D 266 -21.40 -23.94 -3.25
C LEU D 266 -19.92 -24.09 -3.56
N VAL D 267 -19.09 -23.36 -2.83
CA VAL D 267 -17.65 -23.47 -2.99
C VAL D 267 -17.04 -23.94 -1.68
N PHE D 268 -16.18 -24.96 -1.75
CA PHE D 268 -15.43 -25.45 -0.60
C PHE D 268 -14.00 -24.95 -0.75
N GLY D 269 -13.44 -24.41 0.32
CA GLY D 269 -12.07 -23.93 0.30
C GLY D 269 -11.12 -25.03 0.72
N CYS D 270 -9.96 -25.09 0.05
CA CYS D 270 -8.90 -26.05 0.38
C CYS D 270 -7.57 -25.41 0.05
N GLY D 271 -6.71 -25.23 1.05
CA GLY D 271 -5.38 -24.67 0.83
C GLY D 271 -4.98 -23.61 1.83
N GLY D 272 -3.91 -23.88 2.59
CA GLY D 272 -3.29 -22.88 3.45
C GLY D 272 -3.90 -22.63 4.83
N VAL D 273 -4.82 -23.48 5.26
CA VAL D 273 -5.48 -23.30 6.55
C VAL D 273 -4.66 -23.94 7.68
N TYR D 274 -4.09 -23.09 8.52
CA TYR D 274 -3.39 -23.49 9.76
C TYR D 274 -4.05 -22.95 11.03
N SER D 275 -5.02 -22.07 10.89
CA SER D 275 -5.58 -21.35 12.03
C SER D 275 -6.99 -20.90 11.71
N GLY D 276 -7.67 -20.41 12.75
CA GLY D 276 -8.99 -19.82 12.59
C GLY D 276 -8.97 -18.62 11.67
N GLU D 277 -7.87 -17.88 11.67
CA GLU D 277 -7.71 -16.70 10.81
C GLU D 277 -7.80 -17.04 9.33
N GLU D 278 -7.07 -18.05 8.89
CA GLU D 278 -7.14 -18.48 7.48
C GLU D 278 -8.50 -19.08 7.12
N ALA D 279 -9.11 -19.78 8.07
CA ALA D 279 -10.45 -20.30 7.88
C ALA D 279 -11.45 -19.15 7.67
N PHE D 280 -11.34 -18.13 8.52
CA PHE D 280 -12.14 -16.91 8.42
C PHE D 280 -12.02 -16.27 7.02
N LEU D 281 -10.78 -16.19 6.52
CA LEU D 281 -10.54 -15.63 5.18
C LEU D 281 -11.19 -16.45 4.07
N HIS D 282 -11.08 -17.78 4.14
CA HIS D 282 -11.74 -18.67 3.17
C HIS D 282 -13.25 -18.45 3.13
N ILE D 283 -13.84 -18.36 4.32
CA ILE D 283 -15.29 -18.15 4.43
C ILE D 283 -15.66 -16.75 3.92
N LEU D 284 -14.89 -15.74 4.30
CA LEU D 284 -15.09 -14.37 3.80
C LEU D 284 -15.02 -14.31 2.25
N ALA D 285 -14.14 -15.12 1.66
CA ALA D 285 -14.01 -15.24 0.19
C ALA D 285 -15.19 -15.98 -0.47
N GLY D 286 -15.94 -16.72 0.34
CA GLY D 286 -17.13 -17.43 -0.12
C GLY D 286 -17.25 -18.90 0.23
N ALA D 287 -16.28 -19.46 0.96
CA ALA D 287 -16.29 -20.90 1.28
C ALA D 287 -17.45 -21.29 2.19
N SER D 288 -18.15 -22.35 1.81
CA SER D 288 -19.17 -22.99 2.65
C SER D 288 -18.55 -23.98 3.63
N MET D 289 -17.66 -24.83 3.12
CA MET D 289 -16.85 -25.74 3.95
C MET D 289 -15.37 -25.41 3.73
N VAL D 290 -14.53 -25.83 4.67
CA VAL D 290 -13.09 -25.54 4.64
C VAL D 290 -12.34 -26.84 4.88
N GLN D 291 -11.54 -27.26 3.90
CA GLN D 291 -10.76 -28.50 3.97
C GLN D 291 -9.35 -28.19 4.45
N VAL D 292 -8.81 -29.10 5.27
CA VAL D 292 -7.49 -28.93 5.89
C VAL D 292 -6.63 -30.11 5.44
N GLY D 293 -5.46 -29.81 4.87
CA GLY D 293 -4.56 -30.84 4.34
C GLY D 293 -3.23 -30.88 5.09
N THR D 294 -2.28 -30.07 4.65
CA THR D 294 -0.92 -30.02 5.19
C THR D 294 -0.89 -29.86 6.72
N ALA D 295 -1.65 -28.89 7.23
CA ALA D 295 -1.69 -28.63 8.67
C ALA D 295 -2.21 -29.85 9.44
N LEU D 296 -3.17 -30.55 8.85
CA LEU D 296 -3.71 -31.78 9.43
C LEU D 296 -2.66 -32.89 9.43
N HIS D 297 -1.91 -33.00 8.34
CA HIS D 297 -0.83 -33.98 8.25
C HIS D 297 0.25 -33.74 9.32
N ASP D 298 0.55 -32.47 9.60
CA ASP D 298 1.53 -32.08 10.62
C ASP D 298 1.02 -32.35 12.04
N GLU D 299 -0.20 -31.89 12.32
CA GLU D 299 -0.72 -31.77 13.69
C GLU D 299 -1.60 -32.94 14.14
N GLY D 300 -2.21 -33.64 13.18
CA GLY D 300 -3.19 -34.68 13.48
C GLY D 300 -4.56 -34.10 13.74
N PRO D 301 -5.58 -34.96 13.90
CA PRO D 301 -6.98 -34.50 13.97
C PRO D 301 -7.36 -33.61 15.18
N ILE D 302 -6.49 -33.48 16.18
CA ILE D 302 -6.68 -32.49 17.24
C ILE D 302 -6.79 -31.05 16.72
N ILE D 303 -6.20 -30.78 15.54
CA ILE D 303 -6.29 -29.46 14.92
C ILE D 303 -7.72 -28.94 14.78
N PHE D 304 -8.67 -29.83 14.50
CA PHE D 304 -10.07 -29.42 14.30
C PHE D 304 -10.68 -28.78 15.54
N ALA D 305 -10.31 -29.29 16.71
CA ALA D 305 -10.72 -28.68 17.98
C ALA D 305 -10.16 -27.28 18.12
N ARG D 306 -8.89 -27.11 17.75
CA ARG D 306 -8.23 -25.81 17.78
C ARG D 306 -8.87 -24.84 16.79
N LEU D 307 -9.18 -25.32 15.59
CA LEU D 307 -9.77 -24.46 14.54
C LEU D 307 -11.18 -23.96 14.89
N ASN D 308 -12.01 -24.83 15.48
CA ASN D 308 -13.33 -24.39 15.97
C ASN D 308 -13.22 -23.28 17.00
N LYS D 309 -12.34 -23.49 17.98
CA LYS D 309 -12.08 -22.50 19.03
C LYS D 309 -11.57 -21.16 18.47
N GLU D 310 -10.58 -21.23 17.59
CA GLU D 310 -9.97 -20.02 17.04
C GLU D 310 -10.92 -19.20 16.15
N LEU D 311 -11.74 -19.89 15.37
CA LEU D 311 -12.72 -19.26 14.51
C LEU D 311 -13.79 -18.59 15.36
N GLN D 312 -14.21 -19.26 16.43
CA GLN D 312 -15.18 -18.69 17.37
C GLN D 312 -14.64 -17.45 18.08
N GLU D 313 -13.35 -17.47 18.40
CA GLU D 313 -12.69 -16.32 19.02
C GLU D 313 -12.67 -15.10 18.09
N ILE D 314 -12.41 -15.34 16.80
CA ILE D 314 -12.43 -14.26 15.81
C ILE D 314 -13.83 -13.67 15.63
N MET D 315 -14.81 -14.56 15.52
CA MET D 315 -16.21 -14.17 15.38
C MET D 315 -16.69 -13.34 16.58
N THR D 316 -16.33 -13.79 17.78
CA THR D 316 -16.65 -13.07 19.02
C THR D 316 -16.07 -11.65 19.02
N ASN D 317 -14.80 -11.53 18.64
CA ASN D 317 -14.14 -10.22 18.58
C ASN D 317 -14.80 -9.27 17.56
N LYS D 318 -15.29 -9.82 16.47
CA LYS D 318 -15.94 -9.05 15.40
C LYS D 318 -17.44 -8.83 15.60
N GLY D 319 -18.03 -9.56 16.54
CA GLY D 319 -19.46 -9.45 16.84
C GLY D 319 -20.33 -10.31 15.94
N TYR D 320 -19.76 -11.33 15.30
CA TYR D 320 -20.53 -12.25 14.47
C TYR D 320 -21.04 -13.42 15.29
N LYS D 321 -22.30 -13.78 15.07
CA LYS D 321 -22.95 -14.92 15.71
C LYS D 321 -23.01 -16.17 14.85
N THR D 322 -23.04 -15.99 13.53
CA THR D 322 -23.11 -17.10 12.59
C THR D 322 -22.20 -16.86 11.38
N LEU D 323 -21.95 -17.93 10.63
CA LEU D 323 -21.10 -17.84 9.44
C LEU D 323 -21.75 -17.06 8.31
N ASP D 324 -23.09 -17.11 8.23
CA ASP D 324 -23.86 -16.36 7.24
C ASP D 324 -23.68 -14.84 7.33
N GLU D 325 -23.31 -14.35 8.51
CA GLU D 325 -23.09 -12.91 8.70
C GLU D 325 -21.87 -12.35 7.95
N PHE D 326 -20.91 -13.20 7.60
CA PHE D 326 -19.75 -12.75 6.83
C PHE D 326 -19.34 -13.59 5.62
N ARG D 327 -19.98 -14.74 5.37
CA ARG D 327 -19.58 -15.57 4.24
C ARG D 327 -19.76 -14.81 2.93
N GLY D 328 -18.70 -14.80 2.12
CA GLY D 328 -18.74 -14.16 0.82
C GLY D 328 -18.78 -12.65 0.86
N ARG D 329 -18.54 -12.06 2.04
CA ARG D 329 -18.64 -10.60 2.20
C ARG D 329 -17.30 -9.88 2.17
N VAL D 330 -16.28 -10.51 1.58
CA VAL D 330 -15.01 -9.81 1.36
C VAL D 330 -15.28 -8.48 0.64
N LYS D 331 -14.65 -7.42 1.12
CA LYS D 331 -14.82 -6.08 0.56
C LYS D 331 -13.74 -5.80 -0.48
N THR D 332 -14.15 -5.17 -1.58
CA THR D 332 -13.20 -4.72 -2.62
C THR D 332 -13.15 -3.19 -2.62
N MET D 333 -12.14 -2.66 -3.29
CA MET D 333 -11.90 -1.21 -3.35
C MET D 333 -12.23 -0.59 -4.70
N ASP D 334 -12.68 -1.40 -5.65
CA ASP D 334 -12.95 -0.95 -7.01
C ASP D 334 -14.44 -1.09 -7.36
#